data_3VVZ
#
_entry.id   3VVZ
#
_cell.length_a   43.717
_cell.length_b   54.329
_cell.length_c   92.296
_cell.angle_alpha   104.54
_cell.angle_beta   97.32
_cell.angle_gamma   90.00
#
_symmetry.space_group_name_H-M   'P 1'
#
loop_
_entity.id
_entity.type
_entity.pdbx_description
1 polymer 'Putative regulatory protein'
2 non-polymer 'RHODAMINE 6G'
3 non-polymer 'SULFATE ION'
4 water water
#
_entity_poly.entity_id   1
_entity_poly.type   'polypeptide(L)'
_entity_poly.pdbx_seq_one_letter_code
;MVARPKSEDKKQALLEAATQAIAQSGIAASTAVIARNAGVAEGTLFRYFATKDELINTLYLHLKQDLCQSMIMELDRSIT
DAKMMTRFIWNSYISWGLNHPARHRAIRQLAVSEKLTKETEQRADDMFPELRDLCHRSVLMVFMSDEYRAFGDGLFLALA
ETTMDFAARDPARAGEYIALGFEAMWRALTREEQ
;
_entity_poly.pdbx_strand_id   A,B,C,D
#
loop_
_chem_comp.id
_chem_comp.type
_chem_comp.name
_chem_comp.formula
RHQ non-polymer 'RHODAMINE 6G' 'C28 H31 N2 O3 1'
SO4 non-polymer 'SULFATE ION' 'O4 S -2'
#
# COMPACT_ATOMS: atom_id res chain seq x y z
N ASP A 9 -37.12 31.27 8.40
CA ASP A 9 -35.80 30.74 7.90
C ASP A 9 -35.41 29.43 8.62
N LYS A 10 -36.18 29.09 9.65
CA LYS A 10 -35.84 27.99 10.57
C LYS A 10 -36.21 26.62 10.05
N LYS A 11 -37.31 26.56 9.29
CA LYS A 11 -37.74 25.32 8.71
C LYS A 11 -36.62 24.73 7.84
N GLN A 12 -36.09 25.52 6.89
CA GLN A 12 -34.97 25.09 6.05
C GLN A 12 -33.78 24.61 6.91
N ALA A 13 -33.54 25.29 8.05
CA ALA A 13 -32.40 24.95 8.91
C ALA A 13 -32.61 23.59 9.49
N LEU A 14 -33.85 23.36 9.93
CA LEU A 14 -34.29 22.08 10.46
C LEU A 14 -34.18 20.94 9.46
N LEU A 15 -34.65 21.20 8.22
CA LEU A 15 -34.46 20.28 7.12
C LEU A 15 -32.99 19.98 6.94
N GLU A 16 -32.10 20.99 6.93
CA GLU A 16 -30.69 20.79 6.57
C GLU A 16 -30.06 19.96 7.65
N ALA A 17 -30.50 20.21 8.88
CA ALA A 17 -29.98 19.49 10.07
C ALA A 17 -30.44 18.05 10.13
N ALA A 18 -31.74 17.87 9.99
CA ALA A 18 -32.33 16.53 9.79
C ALA A 18 -31.69 15.69 8.68
N THR A 19 -31.35 16.30 7.56
CA THR A 19 -30.61 15.61 6.49
C THR A 19 -29.31 15.10 7.06
N GLN A 20 -28.52 15.99 7.67
CA GLN A 20 -27.16 15.62 8.18
C GLN A 20 -27.26 14.54 9.25
N ALA A 21 -28.29 14.61 10.11
CA ALA A 21 -28.38 13.59 11.19
C ALA A 21 -28.89 12.24 10.70
N ILE A 22 -29.85 12.26 9.80
CA ILE A 22 -30.37 11.01 9.29
C ILE A 22 -29.32 10.28 8.49
N ALA A 23 -28.51 11.04 7.76
CA ALA A 23 -27.45 10.45 6.95
C ALA A 23 -26.52 9.63 7.87
N GLN A 24 -26.44 10.04 9.14
CA GLN A 24 -25.42 9.49 10.01
C GLN A 24 -25.98 8.41 10.91
N SER A 25 -27.25 8.53 11.22
CA SER A 25 -27.86 7.64 12.18
C SER A 25 -29.16 7.05 11.70
N GLY A 26 -29.47 7.22 10.40
CA GLY A 26 -30.74 6.69 9.89
C GLY A 26 -31.89 7.38 10.60
N ILE A 27 -33.09 6.78 10.54
CA ILE A 27 -34.29 7.46 11.09
C ILE A 27 -34.37 7.38 12.60
N ALA A 28 -33.51 6.58 13.20
CA ALA A 28 -33.37 6.60 14.66
C ALA A 28 -32.77 7.91 15.19
N ALA A 29 -32.12 8.70 14.35
CA ALA A 29 -31.48 9.94 14.80
C ALA A 29 -32.40 10.71 15.76
N SER A 30 -31.81 11.25 16.81
CA SER A 30 -32.55 12.05 17.77
C SER A 30 -33.10 13.41 17.28
N THR A 31 -34.36 13.65 17.60
CA THR A 31 -34.97 14.94 17.34
C THR A 31 -34.33 16.10 18.15
N ALA A 32 -33.69 15.76 19.27
CA ALA A 32 -32.98 16.77 20.06
C ALA A 32 -31.65 17.21 19.36
N VAL A 33 -30.93 16.23 18.80
CA VAL A 33 -29.69 16.51 18.11
C VAL A 33 -29.96 17.38 16.86
N ILE A 34 -31.07 17.04 16.17
CA ILE A 34 -31.53 17.78 15.02
C ILE A 34 -31.82 19.27 15.31
N ALA A 35 -32.65 19.52 16.30
CA ALA A 35 -32.96 20.86 16.69
C ALA A 35 -31.71 21.62 17.07
N ARG A 36 -30.93 21.00 17.96
CA ARG A 36 -29.71 21.59 18.47
C ARG A 36 -28.79 22.02 17.29
N ASN A 37 -28.53 21.11 16.35
CA ASN A 37 -27.62 21.42 15.22
C ASN A 37 -28.13 22.47 14.25
N ALA A 38 -29.43 22.75 14.30
CA ALA A 38 -30.07 23.72 13.42
C ALA A 38 -30.21 25.05 14.15
N GLY A 39 -29.76 25.04 15.41
CA GLY A 39 -29.71 26.22 16.25
C GLY A 39 -31.09 26.66 16.65
N VAL A 40 -31.96 25.69 16.86
CA VAL A 40 -33.29 25.96 17.44
C VAL A 40 -33.64 25.03 18.65
N ALA A 41 -34.67 25.37 19.40
CA ALA A 41 -35.11 24.54 20.55
C ALA A 41 -35.92 23.34 20.07
N GLU A 42 -35.74 22.18 20.69
CA GLU A 42 -36.53 20.94 20.36
C GLU A 42 -38.07 21.09 20.28
N GLY A 43 -38.58 21.90 21.19
CA GLY A 43 -39.95 22.37 21.14
C GLY A 43 -40.31 23.06 19.84
N THR A 44 -39.45 23.96 19.39
CA THR A 44 -39.66 24.63 18.08
C THR A 44 -39.77 23.62 16.91
N LEU A 45 -38.82 22.67 16.85
CA LEU A 45 -38.84 21.66 15.77
C LEU A 45 -40.25 21.04 15.69
N PHE A 46 -40.80 20.75 16.87
CA PHE A 46 -42.13 20.16 16.99
C PHE A 46 -43.30 21.12 16.81
N ARG A 47 -43.06 22.40 16.64
CA ARG A 47 -44.16 23.28 16.18
C ARG A 47 -44.19 23.35 14.66
N TYR A 48 -43.05 23.03 14.02
CA TYR A 48 -42.99 23.07 12.56
C TYR A 48 -43.46 21.74 12.07
N PHE A 49 -43.05 20.70 12.80
CA PHE A 49 -43.38 19.32 12.49
C PHE A 49 -43.92 18.60 13.76
N ALA A 50 -45.22 18.32 13.82
CA ALA A 50 -45.83 17.76 15.06
C ALA A 50 -45.31 16.38 15.46
N THR A 51 -44.93 15.54 14.50
CA THR A 51 -44.29 14.27 14.79
C THR A 51 -43.00 14.11 14.04
N LYS A 52 -42.25 13.08 14.42
CA LYS A 52 -41.00 12.74 13.77
C LYS A 52 -41.29 12.24 12.34
N ASP A 53 -42.42 11.57 12.21
CA ASP A 53 -42.88 11.00 10.93
C ASP A 53 -43.29 12.03 9.86
N GLU A 54 -43.90 13.10 10.33
CA GLU A 54 -44.15 14.31 9.56
C GLU A 54 -42.88 15.05 9.10
N LEU A 55 -41.82 15.04 9.91
CA LEU A 55 -40.56 15.60 9.55
C LEU A 55 -40.01 14.72 8.41
N ILE A 56 -40.17 13.40 8.59
CA ILE A 56 -39.65 12.35 7.71
C ILE A 56 -40.23 12.41 6.29
N ASN A 57 -41.52 12.76 6.22
CA ASN A 57 -42.21 12.93 4.96
C ASN A 57 -41.83 14.20 4.21
N THR A 58 -41.73 15.31 4.93
CA THR A 58 -41.36 16.57 4.29
C THR A 58 -39.95 16.57 3.78
N LEU A 59 -39.01 16.01 4.53
CA LEU A 59 -37.60 16.01 4.14
C LEU A 59 -37.42 15.13 2.94
N TYR A 60 -38.24 14.07 2.88
CA TYR A 60 -38.22 13.14 1.73
C TYR A 60 -38.56 13.86 0.41
N LEU A 61 -39.64 14.64 0.44
CA LEU A 61 -40.14 15.43 -0.67
C LEU A 61 -39.22 16.56 -1.03
N HIS A 62 -38.77 17.26 0.01
CA HIS A 62 -37.71 18.28 -0.15
C HIS A 62 -36.53 17.73 -0.99
N LEU A 63 -36.05 16.55 -0.60
CA LEU A 63 -34.87 15.92 -1.17
C LEU A 63 -35.11 15.38 -2.57
N LYS A 64 -36.26 14.72 -2.72
CA LYS A 64 -36.76 14.17 -4.02
C LYS A 64 -36.91 15.22 -5.12
N GLN A 65 -37.52 16.37 -4.80
CA GLN A 65 -37.68 17.52 -5.70
C GLN A 65 -36.32 18.02 -6.10
N ASP A 66 -35.40 18.06 -5.12
CA ASP A 66 -34.05 18.56 -5.38
C ASP A 66 -33.33 17.62 -6.37
N LEU A 67 -33.47 16.33 -6.14
CA LEU A 67 -32.87 15.28 -6.96
C LEU A 67 -33.44 15.25 -8.37
N CYS A 68 -34.77 15.35 -8.46
CA CYS A 68 -35.47 15.44 -9.75
C CYS A 68 -35.27 16.71 -10.58
N GLN A 69 -35.00 17.82 -9.90
CA GLN A 69 -34.68 19.08 -10.56
C GLN A 69 -33.37 18.93 -11.36
N SER A 70 -32.39 18.30 -10.71
CA SER A 70 -31.08 17.98 -11.31
C SER A 70 -31.22 17.09 -12.56
N MET A 71 -32.07 16.07 -12.43
CA MET A 71 -32.30 15.10 -13.53
C MET A 71 -32.95 15.73 -14.75
N ILE A 72 -33.96 16.55 -14.48
CA ILE A 72 -34.70 17.32 -15.49
C ILE A 72 -33.84 18.32 -16.23
N MET A 73 -33.13 19.12 -15.43
CA MET A 73 -32.13 20.02 -15.94
C MET A 73 -31.06 19.38 -16.83
N GLU A 74 -30.72 18.11 -16.55
CA GLU A 74 -29.61 17.47 -17.29
C GLU A 74 -30.06 16.45 -18.33
N LEU A 75 -31.37 16.28 -18.44
CA LEU A 75 -31.99 15.37 -19.44
C LEU A 75 -31.85 15.88 -20.90
N ASP A 76 -31.37 14.99 -21.80
CA ASP A 76 -31.20 15.33 -23.22
C ASP A 76 -32.35 14.74 -24.00
N ARG A 77 -33.15 15.63 -24.59
CA ARG A 77 -34.23 15.19 -25.47
C ARG A 77 -33.69 14.35 -26.63
N SER A 78 -32.56 14.83 -27.19
CA SER A 78 -31.95 14.19 -28.35
C SER A 78 -31.86 12.69 -28.16
N ILE A 79 -32.01 12.25 -26.90
CA ILE A 79 -31.81 10.83 -26.62
C ILE A 79 -33.08 10.12 -26.97
N THR A 80 -32.95 9.17 -27.89
CA THR A 80 -34.09 8.46 -28.48
C THR A 80 -34.00 6.99 -28.05
N ASP A 81 -32.79 6.55 -27.69
CA ASP A 81 -32.59 5.17 -27.32
C ASP A 81 -32.93 5.01 -25.85
N ALA A 82 -33.70 3.97 -25.55
CA ALA A 82 -34.22 3.74 -24.19
C ALA A 82 -33.15 3.42 -23.14
N LYS A 83 -32.42 2.34 -23.37
CA LYS A 83 -31.29 2.01 -22.54
C LYS A 83 -30.31 3.18 -22.40
N MET A 84 -30.03 3.93 -23.48
CA MET A 84 -29.06 5.04 -23.43
C MET A 84 -29.62 6.15 -22.56
N MET A 85 -30.94 6.32 -22.60
CA MET A 85 -31.63 7.43 -21.92
C MET A 85 -31.64 7.20 -20.41
N THR A 86 -31.79 5.95 -20.04
CA THR A 86 -31.65 5.60 -18.63
C THR A 86 -30.15 5.63 -18.18
N ARG A 87 -29.21 5.42 -19.10
CA ARG A 87 -27.84 5.58 -18.69
C ARG A 87 -27.63 7.02 -18.28
N PHE A 88 -28.09 7.97 -19.12
CA PHE A 88 -27.77 9.42 -18.91
C PHE A 88 -28.39 9.84 -17.59
N ILE A 89 -29.61 9.35 -17.36
CA ILE A 89 -30.35 9.61 -16.09
C ILE A 89 -29.58 9.12 -14.87
N TRP A 90 -29.18 7.86 -14.91
CA TRP A 90 -28.18 7.29 -13.96
C TRP A 90 -26.93 8.10 -13.70
N ASN A 91 -26.35 8.72 -14.71
CA ASN A 91 -25.12 9.49 -14.48
C ASN A 91 -25.46 10.64 -13.56
N SER A 92 -26.60 11.27 -13.85
CA SER A 92 -27.03 12.54 -13.23
C SER A 92 -27.24 12.26 -11.77
N TYR A 93 -28.05 11.23 -11.54
CA TYR A 93 -28.38 10.68 -10.21
C TYR A 93 -27.14 10.35 -9.37
N ILE A 94 -26.21 9.58 -9.94
CA ILE A 94 -24.92 9.35 -9.30
C ILE A 94 -24.26 10.66 -9.06
N SER A 95 -24.30 11.59 -10.02
CA SER A 95 -23.47 12.80 -9.95
C SER A 95 -24.07 13.56 -8.74
N TRP A 96 -25.41 13.63 -8.73
CA TRP A 96 -26.14 14.35 -7.70
C TRP A 96 -25.73 13.86 -6.31
N GLY A 97 -25.58 12.54 -6.25
CA GLY A 97 -25.08 11.82 -5.07
C GLY A 97 -23.63 12.01 -4.73
N LEU A 98 -22.81 12.28 -5.74
CA LEU A 98 -21.41 12.54 -5.52
C LEU A 98 -21.32 13.95 -5.00
N ASN A 99 -22.08 14.87 -5.63
CA ASN A 99 -22.13 16.25 -5.16
C ASN A 99 -22.71 16.41 -3.72
N HIS A 100 -23.76 15.65 -3.43
CA HIS A 100 -24.48 15.87 -2.18
C HIS A 100 -24.51 14.58 -1.32
N PRO A 101 -23.38 14.19 -0.69
CA PRO A 101 -23.33 12.84 -0.14
C PRO A 101 -24.32 12.62 1.06
N ALA A 102 -24.47 13.61 1.92
CA ALA A 102 -25.44 13.45 3.02
C ALA A 102 -26.86 13.49 2.47
N ARG A 103 -27.10 14.37 1.49
CA ARG A 103 -28.44 14.38 0.94
C ARG A 103 -28.83 12.99 0.45
N HIS A 104 -27.89 12.29 -0.23
CA HIS A 104 -28.22 10.96 -0.72
C HIS A 104 -28.37 9.88 0.37
N ARG A 105 -27.43 9.89 1.32
CA ARG A 105 -27.56 8.96 2.48
C ARG A 105 -28.90 9.11 3.23
N ALA A 106 -29.26 10.34 3.57
CA ALA A 106 -30.60 10.62 4.12
C ALA A 106 -31.73 10.16 3.19
N ILE A 107 -31.67 10.56 1.92
CA ILE A 107 -32.71 10.14 0.95
C ILE A 107 -32.86 8.62 0.94
N ARG A 108 -31.76 7.86 1.00
CA ARG A 108 -31.87 6.41 0.89
C ARG A 108 -32.55 5.80 2.14
N GLN A 109 -32.11 6.21 3.34
CA GLN A 109 -32.72 5.75 4.60
C GLN A 109 -34.15 6.17 4.85
N LEU A 110 -34.49 7.40 4.48
CA LEU A 110 -35.90 7.79 4.41
C LEU A 110 -36.68 6.88 3.45
N ALA A 111 -36.17 6.71 2.21
CA ALA A 111 -36.94 5.98 1.19
C ALA A 111 -37.31 4.59 1.60
N VAL A 112 -36.44 3.94 2.36
CA VAL A 112 -36.66 2.55 2.73
C VAL A 112 -37.28 2.34 4.18
N SER A 113 -37.92 3.39 4.73
CA SER A 113 -38.13 3.44 6.18
C SER A 113 -39.50 2.98 6.67
N GLU A 114 -40.39 2.58 5.76
CA GLU A 114 -41.75 2.21 6.19
C GLU A 114 -42.55 3.28 6.90
N LYS A 115 -41.99 4.46 7.10
CA LYS A 115 -42.81 5.55 7.64
C LYS A 115 -43.31 6.53 6.56
N LEU A 116 -43.07 6.26 5.28
CA LEU A 116 -43.54 7.18 4.26
C LEU A 116 -45.05 6.94 4.05
N THR A 117 -45.88 7.99 4.06
CA THR A 117 -47.31 7.84 3.67
C THR A 117 -47.56 7.56 2.17
N LYS A 118 -48.80 7.20 1.85
CA LYS A 118 -49.16 6.88 0.48
C LYS A 118 -49.06 8.10 -0.43
N GLU A 119 -49.42 9.28 0.10
CA GLU A 119 -49.43 10.50 -0.70
C GLU A 119 -48.02 11.00 -1.02
N THR A 120 -47.15 10.82 -0.03
CA THR A 120 -45.75 11.16 -0.16
C THR A 120 -45.18 10.37 -1.30
N GLU A 121 -45.45 9.07 -1.22
CA GLU A 121 -45.02 8.09 -2.23
C GLU A 121 -45.60 8.36 -3.61
N GLN A 122 -46.86 8.76 -3.66
CA GLN A 122 -47.48 9.14 -4.91
C GLN A 122 -46.92 10.44 -5.47
N ARG A 123 -46.85 11.45 -4.61
CA ARG A 123 -46.34 12.74 -4.99
C ARG A 123 -44.86 12.67 -5.42
N ALA A 124 -44.15 11.64 -4.96
CA ALA A 124 -42.75 11.39 -5.35
C ALA A 124 -42.63 10.84 -6.77
N ASP A 125 -43.41 9.82 -7.06
CA ASP A 125 -43.47 9.22 -8.40
C ASP A 125 -43.78 10.24 -9.48
N ASP A 126 -44.52 11.29 -9.11
CA ASP A 126 -45.02 12.29 -10.04
C ASP A 126 -44.27 13.62 -10.08
N MET A 127 -42.95 13.56 -9.94
CA MET A 127 -42.16 14.78 -10.08
C MET A 127 -41.41 14.74 -11.40
N PHE A 128 -40.99 13.52 -11.78
CA PHE A 128 -40.42 13.27 -13.11
C PHE A 128 -41.41 12.40 -13.89
N PRO A 129 -42.58 12.98 -14.29
CA PRO A 129 -43.58 12.24 -15.07
C PRO A 129 -42.99 11.35 -16.17
N GLU A 130 -42.02 11.86 -16.92
CA GLU A 130 -41.42 11.12 -18.03
C GLU A 130 -40.52 9.96 -17.55
N LEU A 131 -39.59 10.20 -16.61
CA LEU A 131 -38.81 9.09 -16.03
C LEU A 131 -39.74 8.05 -15.36
N ARG A 132 -40.76 8.57 -14.72
CA ARG A 132 -41.75 7.70 -14.11
C ARG A 132 -42.37 6.74 -15.12
N ASP A 133 -42.73 7.23 -16.31
CA ASP A 133 -43.21 6.33 -17.35
C ASP A 133 -42.06 5.42 -17.76
N LEU A 134 -40.86 5.97 -17.82
CA LEU A 134 -39.73 5.22 -18.34
C LEU A 134 -39.62 3.93 -17.56
N CYS A 135 -39.67 4.11 -16.24
CA CYS A 135 -39.56 3.05 -15.26
C CYS A 135 -40.62 1.96 -15.41
N HIS A 136 -41.87 2.36 -15.54
CA HIS A 136 -42.96 1.43 -15.89
C HIS A 136 -42.73 0.54 -17.13
N ARG A 137 -42.01 1.03 -18.14
CA ARG A 137 -41.82 0.28 -19.41
C ARG A 137 -40.64 -0.71 -19.33
N SER A 138 -39.59 -0.27 -18.62
CA SER A 138 -38.33 -0.98 -18.53
C SER A 138 -38.29 -2.04 -17.39
N VAL A 139 -38.76 -1.63 -16.21
CA VAL A 139 -38.53 -2.35 -14.96
C VAL A 139 -39.31 -3.64 -14.83
N LEU A 140 -38.64 -4.72 -14.38
CA LEU A 140 -39.31 -6.01 -14.14
C LEU A 140 -40.65 -5.85 -13.44
N MET A 141 -41.69 -6.44 -14.05
CA MET A 141 -43.06 -6.42 -13.53
C MET A 141 -43.17 -6.63 -12.04
N VAL A 142 -42.50 -7.67 -11.53
CA VAL A 142 -42.41 -7.94 -10.09
C VAL A 142 -41.91 -6.76 -9.19
N PHE A 143 -41.02 -5.89 -9.69
CA PHE A 143 -40.48 -4.81 -8.83
C PHE A 143 -41.35 -3.57 -8.91
N MET A 144 -42.43 -3.66 -9.68
CA MET A 144 -43.36 -2.54 -9.79
C MET A 144 -44.62 -2.83 -8.97
N SER A 145 -44.73 -4.07 -8.48
CA SER A 145 -45.94 -4.50 -7.78
C SER A 145 -46.05 -4.03 -6.33
N ASP A 146 -47.27 -4.15 -5.82
CA ASP A 146 -47.68 -3.69 -4.51
C ASP A 146 -46.87 -4.25 -3.41
N GLU A 147 -46.63 -5.55 -3.47
CA GLU A 147 -45.77 -6.21 -2.49
C GLU A 147 -44.28 -5.92 -2.65
N TYR A 148 -43.77 -5.76 -3.86
CA TYR A 148 -42.31 -5.79 -4.05
C TYR A 148 -41.60 -4.59 -4.56
N ARG A 149 -42.37 -3.54 -4.82
CA ARG A 149 -41.89 -2.21 -5.28
C ARG A 149 -40.80 -1.69 -4.34
N ALA A 150 -41.12 -1.74 -3.06
CA ALA A 150 -40.29 -1.18 -2.03
C ALA A 150 -38.93 -1.89 -1.87
N PHE A 151 -38.95 -3.20 -2.11
CA PHE A 151 -37.76 -4.00 -2.26
C PHE A 151 -36.94 -3.58 -3.50
N GLY A 152 -37.61 -3.42 -4.65
CA GLY A 152 -36.93 -3.03 -5.90
C GLY A 152 -36.14 -1.76 -5.59
N ASP A 153 -36.87 -0.83 -4.97
CA ASP A 153 -36.40 0.54 -4.71
C ASP A 153 -35.18 0.50 -3.86
N GLY A 154 -35.32 -0.24 -2.77
CA GLY A 154 -34.12 -0.68 -2.03
C GLY A 154 -32.96 -1.31 -2.83
N LEU A 155 -33.22 -2.23 -3.76
CA LEU A 155 -32.14 -2.89 -4.53
C LEU A 155 -31.45 -1.80 -5.33
N PHE A 156 -32.26 -1.00 -6.03
CA PHE A 156 -31.80 0.10 -6.85
C PHE A 156 -30.88 1.02 -6.09
N LEU A 157 -31.35 1.42 -4.91
CA LEU A 157 -30.65 2.38 -4.05
C LEU A 157 -29.37 1.83 -3.47
N ALA A 158 -29.38 0.52 -3.16
CA ALA A 158 -28.14 -0.14 -2.73
C ALA A 158 -27.08 -0.08 -3.81
N LEU A 159 -27.46 -0.41 -5.05
CA LEU A 159 -26.55 -0.42 -6.18
C LEU A 159 -25.94 0.97 -6.43
N ALA A 160 -26.79 2.00 -6.41
CA ALA A 160 -26.33 3.40 -6.69
C ALA A 160 -25.53 3.95 -5.54
N GLU A 161 -25.89 3.54 -4.35
CA GLU A 161 -25.09 3.87 -3.19
C GLU A 161 -23.64 3.27 -3.20
N THR A 162 -23.51 2.02 -3.66
CA THR A 162 -22.24 1.36 -3.73
C THR A 162 -21.45 1.94 -4.89
N THR A 163 -22.14 2.27 -6.00
CA THR A 163 -21.52 2.94 -7.12
C THR A 163 -20.94 4.21 -6.63
N MET A 164 -21.72 4.97 -5.88
CA MET A 164 -21.34 6.30 -5.44
C MET A 164 -20.17 6.33 -4.48
N ASP A 165 -20.15 5.31 -3.62
CA ASP A 165 -19.12 5.15 -2.62
C ASP A 165 -17.77 4.77 -3.24
N PHE A 166 -17.80 3.91 -4.25
CA PHE A 166 -16.57 3.53 -4.94
C PHE A 166 -15.99 4.64 -5.83
N ALA A 167 -16.90 5.39 -6.47
CA ALA A 167 -16.52 6.51 -7.31
C ALA A 167 -15.86 7.62 -6.49
N ALA A 168 -16.34 7.85 -5.25
CA ALA A 168 -15.80 8.90 -4.36
C ALA A 168 -14.47 8.53 -3.72
N ARG A 169 -14.31 7.27 -3.34
CA ARG A 169 -13.06 6.78 -2.79
C ARG A 169 -11.94 6.60 -3.85
N ASP A 170 -12.30 6.12 -5.03
CA ASP A 170 -11.34 5.82 -6.07
C ASP A 170 -11.80 6.57 -7.30
N PRO A 171 -11.70 7.93 -7.28
CA PRO A 171 -12.22 8.75 -8.37
C PRO A 171 -11.45 8.56 -9.68
N ALA A 172 -10.21 8.06 -9.58
CA ALA A 172 -9.45 7.73 -10.80
C ALA A 172 -10.27 6.81 -11.75
N ARG A 173 -11.09 5.93 -11.18
CA ARG A 173 -11.93 5.03 -11.94
C ARG A 173 -13.43 5.28 -11.78
N ALA A 174 -13.80 6.45 -11.30
CA ALA A 174 -15.20 6.86 -11.16
C ALA A 174 -16.07 6.55 -12.39
N GLY A 175 -15.59 6.94 -13.59
CA GLY A 175 -16.36 6.64 -14.80
C GLY A 175 -16.70 5.15 -14.96
N GLU A 176 -15.79 4.31 -14.53
CA GLU A 176 -15.93 2.87 -14.83
C GLU A 176 -16.96 2.30 -13.78
N TYR A 177 -16.84 2.72 -12.53
CA TYR A 177 -17.73 2.28 -11.48
C TYR A 177 -19.14 2.67 -11.83
N ILE A 178 -19.30 3.94 -12.25
CA ILE A 178 -20.56 4.42 -12.74
C ILE A 178 -21.08 3.57 -13.90
N ALA A 179 -20.22 3.15 -14.85
CA ALA A 179 -20.73 2.42 -16.05
C ALA A 179 -21.04 1.04 -15.61
N LEU A 180 -20.17 0.48 -14.79
CA LEU A 180 -20.31 -0.94 -14.31
C LEU A 180 -21.54 -1.08 -13.47
N GLY A 181 -21.77 -0.08 -12.65
CA GLY A 181 -22.91 -0.10 -11.79
C GLY A 181 -24.18 0.08 -12.59
N PHE A 182 -24.17 0.89 -13.65
CA PHE A 182 -25.36 1.02 -14.44
C PHE A 182 -25.68 -0.29 -15.04
N GLU A 183 -24.68 -0.99 -15.57
CA GLU A 183 -24.97 -2.21 -16.34
C GLU A 183 -25.49 -3.25 -15.37
N ALA A 184 -24.92 -3.27 -14.17
CA ALA A 184 -25.37 -4.20 -13.08
C ALA A 184 -26.80 -3.94 -12.69
N MET A 185 -27.14 -2.65 -12.57
CA MET A 185 -28.51 -2.28 -12.17
C MET A 185 -29.46 -2.64 -13.29
N TRP A 186 -29.04 -2.40 -14.54
CA TRP A 186 -29.90 -2.74 -15.69
C TRP A 186 -30.24 -4.22 -15.69
N ARG A 187 -29.25 -5.11 -15.54
CA ARG A 187 -29.53 -6.57 -15.63
C ARG A 187 -30.33 -7.03 -14.39
N ALA A 188 -30.08 -6.38 -13.26
CA ALA A 188 -30.85 -6.69 -12.07
C ALA A 188 -32.33 -6.27 -12.09
N LEU A 189 -32.64 -5.11 -12.67
CA LEU A 189 -34.02 -4.60 -12.52
C LEU A 189 -34.91 -4.59 -13.79
N THR A 190 -34.33 -4.58 -14.99
CA THR A 190 -35.14 -4.44 -16.19
C THR A 190 -35.46 -5.76 -16.83
N ARG A 191 -36.49 -5.77 -17.66
CA ARG A 191 -36.91 -6.97 -18.36
C ARG A 191 -36.16 -7.20 -19.69
N GLU A 192 -36.24 -8.43 -20.21
CA GLU A 192 -35.57 -8.81 -21.46
C GLU A 192 -36.17 -8.04 -22.64
N ASP B 9 -9.34 -17.23 28.21
CA ASP B 9 -10.50 -16.79 29.06
C ASP B 9 -10.69 -15.27 28.98
N LYS B 10 -10.48 -14.71 27.77
CA LYS B 10 -10.61 -13.26 27.52
C LYS B 10 -10.44 -12.77 26.06
N LYS B 11 -9.73 -13.53 25.22
CA LYS B 11 -9.45 -13.09 23.84
C LYS B 11 -10.75 -12.92 23.04
N GLN B 12 -11.61 -13.93 23.13
CA GLN B 12 -12.89 -13.92 22.47
C GLN B 12 -13.87 -13.02 23.23
N ALA B 13 -13.40 -12.40 24.31
CA ALA B 13 -14.18 -11.35 24.96
C ALA B 13 -13.71 -9.98 24.41
N LEU B 14 -12.45 -9.92 23.95
CA LEU B 14 -11.90 -8.73 23.25
C LEU B 14 -12.27 -8.70 21.76
N LEU B 15 -12.78 -9.86 21.28
CA LEU B 15 -13.42 -9.92 19.98
C LEU B 15 -14.97 -9.91 20.13
N GLU B 16 -15.48 -10.48 21.23
CA GLU B 16 -16.94 -10.35 21.60
C GLU B 16 -17.28 -8.92 22.06
N ALA B 17 -16.25 -8.08 22.21
CA ALA B 17 -16.43 -6.67 22.54
C ALA B 17 -16.36 -5.80 21.29
N ALA B 18 -15.37 -6.07 20.45
CA ALA B 18 -15.16 -5.36 19.19
C ALA B 18 -16.36 -5.52 18.24
N THR B 19 -16.77 -6.76 18.00
CA THR B 19 -17.94 -7.03 17.18
C THR B 19 -19.09 -6.11 17.62
N GLN B 20 -19.39 -6.09 18.92
CA GLN B 20 -20.53 -5.32 19.45
C GLN B 20 -20.26 -3.80 19.48
N ALA B 21 -19.04 -3.40 19.11
CA ALA B 21 -18.62 -2.00 19.12
C ALA B 21 -18.52 -1.43 17.69
N ILE B 22 -17.74 -2.11 16.84
CA ILE B 22 -17.67 -1.77 15.41
C ILE B 22 -19.09 -1.65 14.88
N ALA B 23 -19.95 -2.60 15.30
CA ALA B 23 -21.35 -2.67 14.86
C ALA B 23 -22.05 -1.34 15.04
N GLN B 24 -22.08 -0.86 16.28
CA GLN B 24 -22.87 0.31 16.64
C GLN B 24 -22.19 1.64 16.27
N SER B 25 -20.86 1.69 16.45
CA SER B 25 -20.16 2.98 16.33
C SER B 25 -19.08 2.98 15.25
N GLY B 26 -19.29 2.22 14.17
CA GLY B 26 -18.40 2.28 12.98
C GLY B 26 -16.95 1.92 13.21
N ILE B 27 -16.20 1.75 12.19
CA ILE B 27 -14.77 1.36 12.21
C ILE B 27 -13.95 2.10 13.28
N ALA B 28 -14.36 3.39 13.61
CA ALA B 28 -13.74 4.17 14.70
C ALA B 28 -14.46 3.84 16.01
N ALA B 29 -14.07 2.71 16.61
CA ALA B 29 -14.63 2.31 17.90
C ALA B 29 -13.73 2.82 19.03
N SER B 30 -14.42 3.18 20.17
CA SER B 30 -13.70 3.72 21.34
C SER B 30 -13.10 2.62 22.22
N THR B 31 -11.79 2.41 22.04
CA THR B 31 -11.05 1.37 22.77
C THR B 31 -11.30 1.39 24.28
N ALA B 32 -11.81 2.51 24.78
CA ALA B 32 -12.15 2.68 26.19
C ALA B 32 -13.31 1.79 26.60
N VAL B 33 -14.46 1.96 25.93
CA VAL B 33 -15.62 1.09 26.17
C VAL B 33 -15.20 -0.36 25.94
N ILE B 34 -14.35 -0.58 24.91
CA ILE B 34 -13.84 -1.91 24.56
C ILE B 34 -13.30 -2.64 25.79
N ALA B 35 -12.43 -1.94 26.52
CA ALA B 35 -11.82 -2.46 27.75
C ALA B 35 -12.86 -2.84 28.78
N ARG B 36 -13.85 -1.95 28.97
CA ARG B 36 -14.88 -2.11 30.01
C ARG B 36 -15.73 -3.38 29.87
N ASN B 37 -15.57 -4.06 28.73
CA ASN B 37 -16.38 -5.24 28.40
C ASN B 37 -15.58 -6.54 28.47
N ALA B 38 -14.35 -6.51 27.94
CA ALA B 38 -13.44 -7.64 28.04
C ALA B 38 -12.66 -7.60 29.35
N GLY B 39 -12.81 -6.47 30.08
CA GLY B 39 -12.19 -6.30 31.41
C GLY B 39 -10.68 -6.32 31.33
N VAL B 40 -10.11 -5.39 30.57
CA VAL B 40 -8.66 -5.31 30.34
C VAL B 40 -8.10 -3.87 30.32
N ALA B 41 -6.84 -3.76 30.08
CA ALA B 41 -6.26 -2.46 29.89
C ALA B 41 -5.75 -2.26 28.49
N GLU B 42 -5.54 -1.01 28.08
CA GLU B 42 -5.05 -0.65 26.76
C GLU B 42 -3.97 -1.64 26.20
N GLY B 43 -2.78 -1.72 26.82
CA GLY B 43 -1.72 -2.62 26.35
C GLY B 43 -2.10 -4.09 26.29
N THR B 44 -3.13 -4.48 27.05
CA THR B 44 -3.60 -5.88 27.08
C THR B 44 -4.01 -6.34 25.68
N LEU B 45 -4.91 -5.56 25.08
CA LEU B 45 -5.37 -5.79 23.71
C LEU B 45 -4.14 -5.86 22.78
N PHE B 46 -3.22 -4.91 22.96
CA PHE B 46 -2.02 -4.83 22.15
C PHE B 46 -0.97 -5.91 22.46
N ARG B 47 -1.29 -6.77 23.42
CA ARG B 47 -0.47 -7.95 23.69
C ARG B 47 -1.12 -9.22 23.10
N TYR B 48 -2.31 -9.04 22.50
CA TYR B 48 -2.98 -10.07 21.70
C TYR B 48 -3.00 -9.65 20.24
N PHE B 49 -3.35 -8.38 20.03
CA PHE B 49 -3.39 -7.77 18.70
C PHE B 49 -2.40 -6.60 18.67
N ALA B 50 -1.29 -6.78 17.95
CA ALA B 50 -0.19 -5.79 17.88
C ALA B 50 -0.68 -4.33 17.72
N THR B 51 -1.43 -4.15 16.51
CA THR B 51 -1.94 -2.82 16.16
C THR B 51 -3.48 -2.83 15.95
N LYS B 52 -4.05 -1.67 15.60
CA LYS B 52 -5.52 -1.52 15.39
C LYS B 52 -6.00 -2.21 14.12
N ASP B 53 -5.11 -2.31 13.13
CA ASP B 53 -5.40 -2.96 11.84
C ASP B 53 -5.37 -4.47 11.96
N GLU B 54 -4.31 -4.99 12.58
CA GLU B 54 -4.20 -6.43 12.87
C GLU B 54 -5.50 -6.89 13.54
N LEU B 55 -5.98 -6.05 14.48
CA LEU B 55 -7.29 -6.25 15.12
C LEU B 55 -8.41 -6.36 14.07
N ILE B 56 -8.33 -5.49 13.07
CA ILE B 56 -9.28 -5.43 11.97
C ILE B 56 -9.06 -6.51 10.91
N ASN B 57 -7.83 -7.01 10.76
CA ASN B 57 -7.62 -8.17 9.87
C ASN B 57 -7.91 -9.51 10.58
N THR B 58 -7.82 -9.50 11.91
CA THR B 58 -8.07 -10.70 12.70
C THR B 58 -9.57 -10.83 13.03
N LEU B 59 -10.19 -9.71 13.47
CA LEU B 59 -11.65 -9.68 13.74
C LEU B 59 -12.44 -10.02 12.50
N TYR B 60 -11.84 -9.74 11.35
CA TYR B 60 -12.46 -10.04 10.08
C TYR B 60 -12.33 -11.52 9.77
N LEU B 61 -11.20 -12.09 10.17
CA LEU B 61 -10.94 -13.49 9.92
C LEU B 61 -11.76 -14.28 10.89
N HIS B 62 -11.91 -13.72 12.08
CA HIS B 62 -12.75 -14.34 13.10
C HIS B 62 -14.19 -14.44 12.59
N LEU B 63 -14.78 -13.28 12.28
CA LEU B 63 -16.14 -13.18 11.78
C LEU B 63 -16.39 -13.86 10.44
N LYS B 64 -15.38 -13.91 9.58
CA LYS B 64 -15.43 -14.66 8.34
C LYS B 64 -15.51 -16.17 8.62
N GLN B 65 -14.55 -16.70 9.39
CA GLN B 65 -14.52 -18.11 9.80
C GLN B 65 -15.92 -18.62 10.18
N ASP B 66 -16.54 -17.88 11.11
CA ASP B 66 -17.84 -18.25 11.64
C ASP B 66 -18.86 -18.30 10.51
N LEU B 67 -18.85 -17.26 9.68
CA LEU B 67 -19.77 -17.19 8.56
C LEU B 67 -19.60 -18.37 7.65
N CYS B 68 -18.37 -18.69 7.26
CA CYS B 68 -18.12 -19.86 6.44
C CYS B 68 -18.44 -21.19 7.12
N GLN B 69 -18.01 -21.36 8.38
CA GLN B 69 -18.27 -22.62 9.07
C GLN B 69 -19.77 -22.86 9.09
N SER B 70 -20.52 -21.76 9.14
CA SER B 70 -21.96 -21.79 9.03
C SER B 70 -22.44 -22.18 7.62
N MET B 71 -21.80 -21.61 6.61
CA MET B 71 -22.17 -21.87 5.22
C MET B 71 -21.81 -23.26 4.70
N ILE B 72 -20.89 -23.92 5.38
CA ILE B 72 -20.46 -25.27 5.00
C ILE B 72 -21.37 -26.34 5.64
N MET B 73 -21.87 -26.06 6.84
CA MET B 73 -22.68 -27.04 7.56
C MET B 73 -24.10 -27.21 7.00
N GLU B 74 -24.34 -26.56 5.86
CA GLU B 74 -25.64 -26.60 5.24
C GLU B 74 -25.45 -26.93 3.77
N LEU B 75 -24.18 -27.05 3.37
CA LEU B 75 -23.83 -27.43 2.02
C LEU B 75 -24.31 -28.87 1.77
N ASP B 76 -25.28 -29.00 0.86
CA ASP B 76 -25.74 -30.28 0.35
C ASP B 76 -24.69 -30.72 -0.67
N ARG B 77 -23.61 -31.35 -0.19
CA ARG B 77 -22.54 -31.81 -1.09
C ARG B 77 -23.02 -33.00 -1.92
N SER B 78 -23.68 -32.66 -3.04
CA SER B 78 -24.30 -33.65 -3.94
C SER B 78 -24.87 -33.00 -5.20
N ILE B 79 -25.38 -31.78 -5.06
CA ILE B 79 -26.01 -31.05 -6.17
C ILE B 79 -24.89 -30.45 -7.10
N THR B 80 -25.25 -30.29 -8.38
CA THR B 80 -24.28 -29.94 -9.40
C THR B 80 -24.38 -28.45 -9.87
N ASP B 81 -25.62 -28.02 -10.15
CA ASP B 81 -25.91 -26.77 -10.85
C ASP B 81 -25.30 -25.55 -10.18
N ALA B 82 -24.49 -24.83 -10.96
CA ALA B 82 -23.69 -23.72 -10.44
C ALA B 82 -24.60 -22.68 -9.81
N LYS B 83 -25.68 -22.37 -10.51
CA LYS B 83 -26.65 -21.44 -10.04
C LYS B 83 -27.37 -22.00 -8.81
N MET B 84 -27.73 -23.29 -8.82
CA MET B 84 -28.43 -23.89 -7.69
C MET B 84 -27.54 -23.93 -6.46
N MET B 85 -26.24 -24.14 -6.67
CA MET B 85 -25.28 -24.17 -5.56
C MET B 85 -25.14 -22.76 -5.02
N THR B 86 -25.29 -21.78 -5.91
CA THR B 86 -25.08 -20.39 -5.52
C THR B 86 -26.32 -19.92 -4.77
N ARG B 87 -27.45 -20.43 -5.22
CA ARG B 87 -28.72 -20.20 -4.56
C ARG B 87 -28.78 -20.74 -3.13
N PHE B 88 -28.22 -21.94 -2.91
CA PHE B 88 -28.21 -22.54 -1.57
C PHE B 88 -27.24 -21.81 -0.65
N ILE B 89 -26.13 -21.33 -1.21
CA ILE B 89 -25.14 -20.63 -0.43
C ILE B 89 -25.61 -19.25 -0.07
N TRP B 90 -26.44 -18.65 -0.92
CA TRP B 90 -27.05 -17.32 -0.65
C TRP B 90 -28.04 -17.37 0.53
N ASN B 91 -28.69 -18.52 0.66
CA ASN B 91 -29.60 -18.78 1.79
C ASN B 91 -28.92 -18.78 3.11
N SER B 92 -27.79 -19.51 3.16
CA SER B 92 -26.94 -19.58 4.32
C SER B 92 -26.47 -18.18 4.70
N TYR B 93 -26.03 -17.40 3.72
CA TYR B 93 -25.45 -16.11 4.03
C TYR B 93 -26.51 -15.23 4.68
N ILE B 94 -27.71 -15.27 4.08
CA ILE B 94 -28.82 -14.50 4.63
C ILE B 94 -29.20 -15.01 6.05
N SER B 95 -29.33 -16.34 6.21
CA SER B 95 -29.55 -16.92 7.55
C SER B 95 -28.55 -16.43 8.61
N TRP B 96 -27.25 -16.64 8.38
CA TRP B 96 -26.28 -16.29 9.36
C TRP B 96 -26.50 -14.81 9.66
N GLY B 97 -26.82 -14.05 8.63
CA GLY B 97 -26.87 -12.58 8.72
C GLY B 97 -28.05 -12.10 9.55
N LEU B 98 -29.20 -12.69 9.28
CA LEU B 98 -30.37 -12.53 10.13
C LEU B 98 -30.19 -13.07 11.59
N ASN B 99 -29.39 -14.13 11.77
CA ASN B 99 -29.18 -14.69 13.11
C ASN B 99 -28.20 -13.86 13.92
N HIS B 100 -27.38 -13.07 13.23
CA HIS B 100 -26.20 -12.47 13.83
C HIS B 100 -26.03 -11.07 13.22
N PRO B 101 -26.99 -10.17 13.50
CA PRO B 101 -27.03 -8.81 12.93
C PRO B 101 -25.79 -7.99 13.22
N ALA B 102 -25.42 -7.97 14.50
CA ALA B 102 -24.25 -7.26 14.93
C ALA B 102 -23.01 -7.80 14.26
N ARG B 103 -22.90 -9.13 14.18
CA ARG B 103 -21.76 -9.79 13.57
C ARG B 103 -21.69 -9.39 12.11
N HIS B 104 -22.85 -9.43 11.46
CA HIS B 104 -22.92 -9.13 10.03
C HIS B 104 -22.68 -7.66 9.76
N ARG B 105 -23.21 -6.80 10.62
CA ARG B 105 -23.02 -5.38 10.56
C ARG B 105 -21.56 -4.99 10.89
N ALA B 106 -20.77 -5.93 11.39
CA ALA B 106 -19.35 -5.70 11.69
C ALA B 106 -18.47 -6.22 10.57
N ILE B 107 -18.87 -7.32 9.98
CA ILE B 107 -18.09 -7.85 8.87
C ILE B 107 -18.27 -6.95 7.64
N ARG B 108 -19.28 -6.07 7.73
CA ARG B 108 -19.65 -5.15 6.66
C ARG B 108 -18.63 -4.02 6.48
N GLN B 109 -18.26 -3.36 7.57
CA GLN B 109 -17.22 -2.33 7.55
C GLN B 109 -15.90 -2.92 7.10
N LEU B 110 -15.55 -4.05 7.71
CA LEU B 110 -14.29 -4.73 7.51
C LEU B 110 -13.99 -5.05 6.03
N ALA B 111 -14.89 -5.76 5.35
CA ALA B 111 -14.68 -6.11 3.92
C ALA B 111 -14.61 -4.86 3.00
N VAL B 112 -15.26 -3.77 3.43
CA VAL B 112 -15.13 -2.44 2.77
C VAL B 112 -14.59 -1.34 3.73
N SER B 113 -13.29 -1.44 4.05
CA SER B 113 -12.60 -0.46 4.92
C SER B 113 -11.18 -0.18 4.41
N GLU B 114 -10.69 -1.08 3.54
CA GLU B 114 -9.35 -1.03 2.94
C GLU B 114 -8.17 -1.34 3.90
N LYS B 115 -8.42 -1.26 5.22
CA LYS B 115 -7.39 -1.59 6.22
C LYS B 115 -7.11 -3.10 6.23
N LEU B 116 -7.35 -3.75 5.08
CA LEU B 116 -7.18 -5.20 4.92
C LEU B 116 -5.97 -5.53 4.07
N THR B 117 -5.35 -6.70 4.37
CA THR B 117 -4.18 -7.14 3.64
C THR B 117 -4.56 -8.15 2.57
N LYS B 118 -3.64 -8.34 1.62
CA LYS B 118 -3.87 -9.24 0.49
C LYS B 118 -3.81 -10.72 0.88
N GLU B 119 -3.16 -11.02 2.00
CA GLU B 119 -3.13 -12.39 2.53
C GLU B 119 -4.44 -12.70 3.28
N THR B 120 -4.98 -11.68 3.94
CA THR B 120 -6.32 -11.73 4.55
C THR B 120 -7.39 -12.22 3.56
N GLU B 121 -7.22 -11.80 2.30
CA GLU B 121 -8.08 -12.23 1.19
C GLU B 121 -7.93 -13.74 0.95
N GLN B 122 -6.71 -14.19 0.67
CA GLN B 122 -6.44 -15.60 0.40
C GLN B 122 -6.86 -16.47 1.58
N ARG B 123 -7.00 -15.82 2.75
CA ARG B 123 -7.50 -16.49 3.95
C ARG B 123 -9.01 -16.60 3.84
N ALA B 124 -9.63 -15.54 3.25
CA ALA B 124 -11.09 -15.47 3.07
C ALA B 124 -11.52 -16.01 1.70
N ASP B 125 -10.54 -16.34 0.85
CA ASP B 125 -10.79 -16.90 -0.48
C ASP B 125 -10.71 -18.44 -0.48
N ASP B 126 -9.65 -18.95 0.18
CA ASP B 126 -9.41 -20.41 0.32
C ASP B 126 -10.28 -21.06 1.41
N MET B 127 -10.53 -20.27 2.47
CA MET B 127 -11.26 -20.71 3.65
C MET B 127 -12.59 -21.38 3.34
N PHE B 128 -12.88 -21.51 2.04
CA PHE B 128 -14.08 -22.14 1.56
C PHE B 128 -13.86 -22.46 0.10
N PRO B 129 -13.12 -23.56 -0.16
CA PRO B 129 -12.73 -23.94 -1.50
C PRO B 129 -13.90 -23.99 -2.49
N GLU B 130 -15.11 -24.32 -2.01
CA GLU B 130 -16.25 -24.55 -2.91
C GLU B 130 -16.77 -23.29 -3.63
N LEU B 131 -16.99 -22.20 -2.89
CA LEU B 131 -17.46 -20.95 -3.52
C LEU B 131 -16.42 -20.25 -4.43
N ARG B 132 -15.13 -20.45 -4.13
CA ARG B 132 -14.03 -19.78 -4.86
C ARG B 132 -13.94 -20.17 -6.35
N ASP B 133 -14.02 -21.47 -6.62
CA ASP B 133 -13.95 -22.01 -7.97
C ASP B 133 -15.31 -21.77 -8.66
N LEU B 134 -16.36 -21.72 -7.85
CA LEU B 134 -17.72 -21.44 -8.33
C LEU B 134 -17.85 -20.02 -8.89
N CYS B 135 -17.26 -19.06 -8.18
CA CYS B 135 -17.25 -17.68 -8.63
C CYS B 135 -16.41 -17.55 -9.89
N HIS B 136 -15.22 -18.15 -9.90
CA HIS B 136 -14.35 -18.13 -11.07
C HIS B 136 -15.11 -18.62 -12.31
N ARG B 137 -16.03 -19.55 -12.10
CA ARG B 137 -16.76 -20.15 -13.19
C ARG B 137 -18.08 -19.42 -13.53
N SER B 138 -18.57 -18.61 -12.62
CA SER B 138 -19.86 -17.94 -12.82
C SER B 138 -19.85 -16.40 -12.93
N VAL B 139 -18.99 -15.71 -12.15
CA VAL B 139 -18.96 -14.25 -12.08
C VAL B 139 -18.36 -13.66 -13.32
N LEU B 140 -18.92 -12.55 -13.78
CA LEU B 140 -18.30 -11.74 -14.84
C LEU B 140 -16.81 -11.62 -14.58
N MET B 141 -15.99 -11.90 -15.57
CA MET B 141 -14.55 -11.66 -15.44
C MET B 141 -14.17 -10.25 -14.94
N VAL B 142 -14.98 -9.24 -15.27
CA VAL B 142 -14.65 -7.88 -14.83
C VAL B 142 -14.69 -7.72 -13.32
N PHE B 143 -15.63 -8.41 -12.66
CA PHE B 143 -15.68 -8.44 -11.18
C PHE B 143 -14.72 -9.42 -10.55
N MET B 144 -13.92 -10.11 -11.36
CA MET B 144 -12.77 -10.89 -10.84
C MET B 144 -11.41 -10.17 -10.95
N SER B 145 -11.35 -9.04 -11.67
CA SER B 145 -10.05 -8.35 -11.79
C SER B 145 -9.66 -7.65 -10.51
N ASP B 146 -8.37 -7.27 -10.45
CA ASP B 146 -7.85 -6.63 -9.27
C ASP B 146 -8.47 -5.27 -9.13
N GLU B 147 -8.94 -4.71 -10.25
CA GLU B 147 -9.34 -3.32 -10.21
C GLU B 147 -10.79 -3.20 -9.78
N TYR B 148 -11.59 -4.24 -10.00
CA TYR B 148 -13.04 -4.10 -9.79
C TYR B 148 -13.61 -5.19 -8.95
N ARG B 149 -12.75 -6.02 -8.38
CA ARG B 149 -13.18 -7.09 -7.48
C ARG B 149 -13.86 -6.54 -6.23
N ALA B 150 -13.23 -5.58 -5.55
CA ALA B 150 -13.82 -4.93 -4.36
C ALA B 150 -15.19 -4.33 -4.70
N PHE B 151 -15.30 -3.69 -5.87
CA PHE B 151 -16.60 -3.19 -6.33
C PHE B 151 -17.58 -4.32 -6.42
N GLY B 152 -17.17 -5.42 -7.06
CA GLY B 152 -18.09 -6.54 -7.18
C GLY B 152 -18.56 -7.08 -5.85
N ASP B 153 -17.67 -7.10 -4.86
CA ASP B 153 -17.92 -7.60 -3.54
C ASP B 153 -18.89 -6.65 -2.85
N GLY B 154 -18.60 -5.35 -2.98
CA GLY B 154 -19.48 -4.27 -2.54
C GLY B 154 -20.90 -4.43 -3.07
N LEU B 155 -21.07 -4.71 -4.36
CA LEU B 155 -22.44 -4.85 -4.86
C LEU B 155 -23.09 -6.08 -4.28
N PHE B 156 -22.36 -7.18 -4.19
CA PHE B 156 -22.97 -8.39 -3.67
C PHE B 156 -23.52 -8.18 -2.21
N LEU B 157 -22.66 -7.64 -1.34
CA LEU B 157 -23.00 -7.34 0.06
C LEU B 157 -24.11 -6.31 0.19
N ALA B 158 -24.12 -5.30 -0.65
CA ALA B 158 -25.16 -4.34 -0.57
C ALA B 158 -26.49 -5.04 -0.91
N LEU B 159 -26.49 -5.92 -1.90
CA LEU B 159 -27.69 -6.66 -2.25
C LEU B 159 -28.08 -7.66 -1.13
N ALA B 160 -27.09 -8.28 -0.51
CA ALA B 160 -27.39 -9.26 0.52
C ALA B 160 -27.99 -8.53 1.71
N GLU B 161 -27.35 -7.46 2.15
CA GLU B 161 -27.82 -6.70 3.30
C GLU B 161 -29.14 -6.05 3.03
N THR B 162 -29.37 -5.55 1.81
CA THR B 162 -30.72 -5.08 1.52
C THR B 162 -31.70 -6.29 1.73
N THR B 163 -31.39 -7.44 1.15
CA THR B 163 -32.26 -8.62 1.29
C THR B 163 -32.49 -8.98 2.81
N MET B 164 -31.41 -8.92 3.60
CA MET B 164 -31.52 -9.17 5.04
C MET B 164 -32.47 -8.19 5.71
N ASP B 165 -32.36 -6.94 5.33
CA ASP B 165 -33.16 -5.88 5.88
C ASP B 165 -34.66 -6.10 5.64
N PHE B 166 -35.03 -6.45 4.43
CA PHE B 166 -36.44 -6.60 4.18
C PHE B 166 -36.98 -7.87 4.79
N ALA B 167 -36.24 -8.96 4.66
CA ALA B 167 -36.64 -10.24 5.30
C ALA B 167 -36.96 -10.02 6.76
N ALA B 168 -36.04 -9.40 7.50
CA ALA B 168 -36.21 -9.23 8.94
C ALA B 168 -37.44 -8.39 9.33
N ARG B 169 -37.81 -7.39 8.51
CA ARG B 169 -38.93 -6.51 8.84
C ARG B 169 -40.29 -7.06 8.38
N ASP B 170 -40.29 -8.02 7.44
CA ASP B 170 -41.55 -8.60 6.91
C ASP B 170 -41.33 -10.10 6.72
N PRO B 171 -41.42 -10.85 7.82
CA PRO B 171 -41.06 -12.26 7.94
C PRO B 171 -41.92 -13.20 7.12
N ALA B 172 -43.07 -12.73 6.72
CA ALA B 172 -44.01 -13.56 5.96
C ALA B 172 -43.65 -13.66 4.47
N ARG B 173 -42.95 -12.64 3.97
CA ARG B 173 -42.46 -12.66 2.59
C ARG B 173 -41.00 -13.05 2.54
N ALA B 174 -40.37 -13.14 3.71
CA ALA B 174 -38.90 -13.32 3.78
C ALA B 174 -38.31 -14.18 2.65
N GLY B 175 -39.06 -15.22 2.28
CA GLY B 175 -38.61 -16.29 1.41
C GLY B 175 -38.60 -15.79 0.02
N GLU B 176 -39.60 -14.95 -0.22
CA GLU B 176 -39.76 -14.30 -1.50
C GLU B 176 -38.68 -13.20 -1.76
N TYR B 177 -38.31 -12.48 -0.69
CA TYR B 177 -37.18 -11.52 -0.74
C TYR B 177 -35.87 -12.16 -1.00
N ILE B 178 -35.64 -13.29 -0.34
CA ILE B 178 -34.40 -14.09 -0.51
C ILE B 178 -34.21 -14.48 -1.99
N ALA B 179 -35.30 -14.99 -2.57
CA ALA B 179 -35.37 -15.52 -3.93
C ALA B 179 -35.27 -14.41 -4.95
N LEU B 180 -35.95 -13.31 -4.67
CA LEU B 180 -35.91 -12.10 -5.46
C LEU B 180 -34.54 -11.40 -5.47
N GLY B 181 -33.96 -11.25 -4.27
CA GLY B 181 -32.62 -10.75 -4.03
C GLY B 181 -31.55 -11.55 -4.74
N PHE B 182 -31.68 -12.89 -4.70
CA PHE B 182 -30.68 -13.79 -5.28
C PHE B 182 -30.64 -13.66 -6.81
N GLU B 183 -31.82 -13.66 -7.41
CA GLU B 183 -32.04 -13.53 -8.85
C GLU B 183 -31.54 -12.19 -9.34
N ALA B 184 -31.79 -11.15 -8.54
CA ALA B 184 -31.25 -9.82 -8.84
C ALA B 184 -29.73 -9.78 -8.93
N MET B 185 -29.05 -10.36 -7.93
CA MET B 185 -27.60 -10.31 -7.93
C MET B 185 -26.96 -11.27 -8.93
N TRP B 186 -27.66 -12.36 -9.25
CA TRP B 186 -27.22 -13.35 -10.22
C TRP B 186 -27.14 -12.72 -11.62
N ARG B 187 -28.18 -11.99 -11.99
CA ARG B 187 -28.20 -11.21 -13.24
C ARG B 187 -27.16 -10.12 -13.27
N ALA B 188 -26.96 -9.52 -12.11
CA ALA B 188 -25.97 -8.44 -11.92
C ALA B 188 -24.52 -8.89 -11.95
N LEU B 189 -24.23 -10.10 -11.47
CA LEU B 189 -22.84 -10.53 -11.31
C LEU B 189 -22.35 -11.70 -12.12
N THR B 190 -23.25 -12.41 -12.75
CA THR B 190 -22.85 -13.57 -13.54
C THR B 190 -23.13 -13.49 -15.02
N ARG B 191 -22.70 -14.53 -15.74
CA ARG B 191 -22.70 -14.60 -17.20
C ARG B 191 -24.08 -14.80 -17.78
N GLU B 192 -24.35 -14.15 -18.92
CA GLU B 192 -25.65 -14.27 -19.61
C GLU B 192 -25.56 -15.16 -20.85
N ASP C 9 41.36 6.93 -31.48
CA ASP C 9 42.15 6.40 -30.33
C ASP C 9 41.44 5.15 -29.83
N LYS C 10 42.06 3.98 -30.07
CA LYS C 10 41.48 2.67 -29.69
C LYS C 10 41.44 2.48 -28.17
N LYS C 11 42.59 2.75 -27.55
CA LYS C 11 42.75 2.80 -26.10
C LYS C 11 41.63 3.60 -25.43
N GLN C 12 41.41 4.84 -25.88
CA GLN C 12 40.35 5.71 -25.31
C GLN C 12 38.95 5.14 -25.55
N ALA C 13 38.78 4.52 -26.72
CA ALA C 13 37.51 3.88 -27.01
C ALA C 13 37.27 2.70 -26.09
N LEU C 14 38.34 1.95 -25.81
CA LEU C 14 38.30 0.80 -24.89
C LEU C 14 37.93 1.16 -23.45
N LEU C 15 38.64 2.16 -22.96
CA LEU C 15 38.44 2.77 -21.66
C LEU C 15 37.02 3.24 -21.49
N GLU C 16 36.53 4.05 -22.44
CA GLU C 16 35.17 4.60 -22.34
C GLU C 16 34.10 3.51 -22.41
N ALA C 17 34.38 2.50 -23.23
CA ALA C 17 33.47 1.35 -23.35
C ALA C 17 33.49 0.38 -22.17
N ALA C 18 34.63 0.29 -21.50
CA ALA C 18 34.79 -0.49 -20.26
C ALA C 18 34.07 0.15 -19.08
N THR C 19 34.01 1.49 -19.07
CA THR C 19 33.28 2.27 -18.07
C THR C 19 31.81 1.93 -18.08
N GLN C 20 31.19 2.02 -19.24
CA GLN C 20 29.79 1.67 -19.42
C GLN C 20 29.62 0.21 -19.00
N ALA C 21 30.53 -0.63 -19.49
CA ALA C 21 30.46 -2.07 -19.21
C ALA C 21 30.48 -2.39 -17.71
N ILE C 22 31.45 -1.78 -17.02
CA ILE C 22 31.64 -2.04 -15.60
C ILE C 22 30.59 -1.35 -14.74
N ALA C 23 30.11 -0.18 -15.16
CA ALA C 23 29.14 0.53 -14.36
C ALA C 23 27.93 -0.37 -14.07
N GLN C 24 27.53 -1.10 -15.11
CA GLN C 24 26.33 -1.94 -15.07
C GLN C 24 26.60 -3.36 -14.58
N SER C 25 27.47 -4.07 -15.30
CA SER C 25 27.72 -5.48 -15.02
C SER C 25 28.59 -5.68 -13.78
N GLY C 26 29.55 -4.78 -13.56
CA GLY C 26 30.46 -4.90 -12.42
C GLY C 26 31.87 -5.24 -12.83
N ILE C 27 32.74 -5.45 -11.85
CA ILE C 27 34.11 -5.92 -12.12
C ILE C 27 34.06 -7.22 -12.91
N ALA C 28 32.91 -7.89 -12.86
CA ALA C 28 32.68 -9.18 -13.51
C ALA C 28 32.18 -9.08 -14.96
N ALA C 29 32.14 -7.85 -15.50
CA ALA C 29 31.68 -7.64 -16.90
C ALA C 29 32.60 -8.32 -17.91
N SER C 30 32.08 -8.50 -19.13
CA SER C 30 32.79 -9.25 -20.13
C SER C 30 33.59 -8.36 -21.07
N THR C 31 34.86 -8.71 -21.18
CA THR C 31 35.76 -8.11 -22.16
C THR C 31 35.28 -8.35 -23.58
N ALA C 32 34.49 -9.41 -23.77
CA ALA C 32 33.83 -9.61 -25.06
C ALA C 32 32.88 -8.45 -25.37
N VAL C 33 31.99 -8.17 -24.41
CA VAL C 33 31.09 -7.03 -24.51
C VAL C 33 31.93 -5.73 -24.67
N ILE C 34 32.89 -5.52 -23.77
CA ILE C 34 33.72 -4.30 -23.79
C ILE C 34 34.35 -4.10 -25.15
N ALA C 35 34.78 -5.21 -25.74
CA ALA C 35 35.45 -5.21 -27.04
C ALA C 35 34.53 -4.76 -28.15
N ARG C 36 33.36 -5.42 -28.21
CA ARG C 36 32.40 -5.09 -29.24
C ARG C 36 31.94 -3.63 -29.14
N ASN C 37 31.33 -3.26 -28.01
CA ASN C 37 30.82 -1.91 -27.77
C ASN C 37 31.84 -0.84 -28.11
N ALA C 38 33.11 -1.19 -27.94
CA ALA C 38 34.21 -0.30 -28.28
C ALA C 38 34.31 -0.22 -29.78
N GLY C 39 33.87 -1.30 -30.43
CA GLY C 39 34.01 -1.42 -31.87
C GLY C 39 35.37 -1.96 -32.24
N VAL C 40 35.94 -2.85 -31.40
CA VAL C 40 37.17 -3.57 -31.77
C VAL C 40 37.08 -5.06 -31.49
N ALA C 41 38.13 -5.77 -31.89
CA ALA C 41 38.22 -7.23 -31.76
C ALA C 41 38.84 -7.62 -30.41
N GLU C 42 38.17 -8.55 -29.70
CA GLU C 42 38.57 -9.02 -28.36
C GLU C 42 40.09 -9.12 -28.14
N GLY C 43 40.81 -9.47 -29.21
CA GLY C 43 42.26 -9.61 -29.17
C GLY C 43 43.05 -8.33 -29.19
N THR C 44 42.43 -7.25 -29.66
CA THR C 44 43.01 -5.91 -29.62
C THR C 44 42.99 -5.36 -28.19
N LEU C 45 41.83 -5.52 -27.52
CA LEU C 45 41.65 -5.11 -26.11
C LEU C 45 42.76 -5.79 -25.31
N PHE C 46 42.95 -7.10 -25.55
CA PHE C 46 44.02 -7.83 -24.88
C PHE C 46 45.43 -7.50 -25.37
N ARG C 47 45.54 -6.81 -26.50
CA ARG C 47 46.83 -6.30 -26.93
C ARG C 47 47.10 -4.90 -26.41
N TYR C 48 46.12 -4.34 -25.70
CA TYR C 48 46.29 -3.06 -25.03
C TYR C 48 46.47 -3.29 -23.55
N PHE C 49 45.78 -4.30 -23.04
CA PHE C 49 45.85 -4.66 -21.65
C PHE C 49 45.98 -6.16 -21.69
N ALA C 50 47.15 -6.62 -21.29
CA ALA C 50 47.47 -8.04 -21.34
C ALA C 50 46.49 -8.86 -20.51
N THR C 51 45.94 -8.27 -19.46
CA THR C 51 44.98 -8.96 -18.59
C THR C 51 43.85 -8.03 -18.21
N LYS C 52 42.75 -8.60 -17.71
CA LYS C 52 41.65 -7.82 -17.19
C LYS C 52 42.16 -6.96 -16.01
N ASP C 53 43.17 -7.46 -15.31
CA ASP C 53 43.71 -6.76 -14.16
C ASP C 53 44.38 -5.45 -14.56
N GLU C 54 45.09 -5.52 -15.67
CA GLU C 54 45.74 -4.34 -16.20
C GLU C 54 44.73 -3.31 -16.73
N LEU C 55 43.61 -3.79 -17.28
CA LEU C 55 42.50 -2.93 -17.63
C LEU C 55 41.91 -2.22 -16.39
N ILE C 56 41.61 -2.99 -15.33
CA ILE C 56 40.99 -2.47 -14.13
C ILE C 56 41.82 -1.30 -13.58
N ASN C 57 43.13 -1.51 -13.51
CA ASN C 57 44.07 -0.54 -12.94
C ASN C 57 44.20 0.68 -13.80
N THR C 58 44.24 0.51 -15.11
CA THR C 58 44.28 1.70 -15.98
C THR C 58 42.95 2.48 -15.99
N LEU C 59 41.82 1.81 -16.16
CA LEU C 59 40.56 2.49 -16.15
C LEU C 59 40.42 3.30 -14.85
N TYR C 60 40.93 2.77 -13.75
CA TYR C 60 40.74 3.42 -12.48
C TYR C 60 41.42 4.75 -12.51
N LEU C 61 42.71 4.72 -12.88
CA LEU C 61 43.56 5.91 -12.85
C LEU C 61 42.98 6.98 -13.74
N HIS C 62 42.51 6.52 -14.89
CA HIS C 62 41.82 7.32 -15.86
C HIS C 62 40.61 8.05 -15.27
N LEU C 63 39.69 7.30 -14.65
CA LEU C 63 38.55 7.92 -14.03
C LEU C 63 38.99 8.85 -12.86
N LYS C 64 39.96 8.40 -12.06
CA LYS C 64 40.36 9.06 -10.78
C LYS C 64 40.90 10.44 -11.10
N GLN C 65 41.61 10.52 -12.20
CA GLN C 65 42.13 11.74 -12.75
C GLN C 65 41.05 12.67 -13.27
N ASP C 66 40.02 12.11 -13.94
CA ASP C 66 38.92 12.94 -14.44
C ASP C 66 38.20 13.51 -13.23
N LEU C 67 38.01 12.71 -12.19
CA LEU C 67 37.28 13.21 -11.01
C LEU C 67 38.16 14.30 -10.31
N CYS C 68 39.45 14.01 -10.21
CA CYS C 68 40.38 14.92 -9.53
C CYS C 68 40.63 16.27 -10.23
N GLN C 69 40.80 16.23 -11.53
CA GLN C 69 40.80 17.44 -12.30
C GLN C 69 39.51 18.27 -12.14
N SER C 70 38.37 17.59 -11.97
CA SER C 70 37.10 18.27 -11.68
C SER C 70 37.07 18.94 -10.30
N MET C 71 37.73 18.35 -9.31
CA MET C 71 37.64 18.92 -7.95
C MET C 71 38.61 20.08 -7.81
N ILE C 72 39.72 19.95 -8.52
CA ILE C 72 40.82 20.96 -8.57
C ILE C 72 40.40 22.25 -9.25
N MET C 73 39.76 22.11 -10.40
CA MET C 73 39.18 23.24 -11.07
C MET C 73 38.26 24.07 -10.18
N GLU C 74 37.44 23.37 -9.40
CA GLU C 74 36.38 23.98 -8.60
C GLU C 74 36.80 24.38 -7.20
N LEU C 75 38.05 24.05 -6.83
CA LEU C 75 38.48 24.26 -5.47
C LEU C 75 38.71 25.76 -5.25
N ASP C 76 38.13 26.29 -4.17
CA ASP C 76 38.29 27.70 -3.84
C ASP C 76 39.28 27.85 -2.69
N ARG C 77 40.47 28.36 -3.03
CA ARG C 77 41.58 28.49 -2.06
C ARG C 77 41.25 29.41 -0.90
N SER C 78 40.43 30.44 -1.17
CA SER C 78 40.00 31.35 -0.12
C SER C 78 39.46 30.59 1.07
N ILE C 79 38.70 29.52 0.80
CA ILE C 79 38.00 28.81 1.86
C ILE C 79 39.02 28.36 2.89
N THR C 80 38.86 28.84 4.12
CA THR C 80 39.85 28.67 5.18
C THR C 80 39.42 27.63 6.24
N ASP C 81 38.12 27.44 6.43
CA ASP C 81 37.66 26.49 7.43
C ASP C 81 37.88 25.08 6.91
N ALA C 82 38.43 24.20 7.75
CA ALA C 82 38.55 22.79 7.37
C ALA C 82 37.20 22.09 7.02
N LYS C 83 36.25 22.01 7.98
CA LYS C 83 34.94 21.39 7.66
C LYS C 83 34.35 22.04 6.39
N MET C 84 34.43 23.36 6.28
CA MET C 84 33.91 24.06 5.08
C MET C 84 34.66 23.66 3.78
N MET C 85 35.93 23.33 3.94
CA MET C 85 36.78 22.94 2.83
C MET C 85 36.46 21.56 2.26
N THR C 86 36.18 20.63 3.17
CA THR C 86 35.62 19.32 2.81
C THR C 86 34.19 19.51 2.23
N ARG C 87 33.29 20.29 2.86
CA ARG C 87 31.92 20.28 2.32
C ARG C 87 31.99 20.65 0.83
N PHE C 88 32.76 21.71 0.52
CA PHE C 88 32.86 22.20 -0.88
C PHE C 88 33.42 21.16 -1.83
N ILE C 89 34.48 20.48 -1.40
CA ILE C 89 34.93 19.27 -2.10
C ILE C 89 33.93 18.11 -2.26
N TRP C 90 33.20 17.71 -1.20
CA TRP C 90 32.05 16.81 -1.32
C TRP C 90 31.03 17.27 -2.38
N ASN C 91 30.73 18.57 -2.44
CA ASN C 91 29.67 19.07 -3.35
C ASN C 91 30.09 18.78 -4.81
N SER C 92 31.39 19.02 -5.08
CA SER C 92 31.97 18.87 -6.42
C SER C 92 32.10 17.41 -6.79
N TYR C 93 32.46 16.58 -5.81
CA TYR C 93 32.43 15.12 -5.95
C TYR C 93 31.08 14.60 -6.38
N ILE C 94 30.03 15.01 -5.67
CA ILE C 94 28.66 14.61 -5.96
C ILE C 94 28.17 15.17 -7.29
N SER C 95 28.67 16.34 -7.71
CA SER C 95 28.10 16.95 -8.92
C SER C 95 28.68 16.14 -10.04
N TRP C 96 29.91 15.72 -9.81
CA TRP C 96 30.59 14.94 -10.79
C TRP C 96 29.93 13.57 -11.00
N GLY C 97 29.44 13.01 -9.91
CA GLY C 97 28.65 11.79 -9.96
C GLY C 97 27.36 11.93 -10.70
N LEU C 98 26.62 13.01 -10.42
CA LEU C 98 25.36 13.30 -11.07
C LEU C 98 25.56 13.55 -12.57
N ASN C 99 26.64 14.27 -12.88
CA ASN C 99 26.99 14.61 -14.25
C ASN C 99 27.46 13.37 -15.02
N HIS C 100 28.14 12.47 -14.32
CA HIS C 100 28.61 11.25 -15.01
C HIS C 100 28.28 10.00 -14.23
N PRO C 101 27.02 9.55 -14.28
CA PRO C 101 26.62 8.43 -13.37
C PRO C 101 27.35 7.10 -13.63
N ALA C 102 27.72 6.85 -14.88
CA ALA C 102 28.40 5.59 -15.21
C ALA C 102 29.87 5.66 -14.74
N ARG C 103 30.57 6.77 -15.05
CA ARG C 103 31.90 6.94 -14.48
C ARG C 103 31.95 6.69 -12.97
N HIS C 104 31.10 7.34 -12.17
CA HIS C 104 31.16 7.01 -10.75
C HIS C 104 30.93 5.55 -10.39
N ARG C 105 29.90 4.92 -10.98
CA ARG C 105 29.55 3.53 -10.63
C ARG C 105 30.74 2.64 -10.95
N ALA C 106 31.33 2.87 -12.13
CA ALA C 106 32.53 2.16 -12.53
C ALA C 106 33.72 2.38 -11.63
N ILE C 107 33.91 3.63 -11.23
CA ILE C 107 35.00 3.97 -10.29
C ILE C 107 34.78 3.41 -8.90
N ARG C 108 33.51 3.22 -8.50
CA ARG C 108 33.23 2.76 -7.13
C ARG C 108 33.53 1.29 -6.97
N GLN C 109 33.19 0.52 -8.00
CA GLN C 109 33.42 -0.93 -8.04
C GLN C 109 34.91 -1.24 -8.16
N LEU C 110 35.59 -0.49 -9.03
CA LEU C 110 37.03 -0.67 -9.21
C LEU C 110 37.85 -0.38 -7.95
N ALA C 111 37.42 0.65 -7.20
CA ALA C 111 38.14 1.04 -5.98
C ALA C 111 38.05 -0.01 -4.88
N VAL C 112 36.99 -0.84 -4.88
CA VAL C 112 36.73 -1.79 -3.78
C VAL C 112 37.12 -3.25 -4.19
N SER C 113 37.82 -3.37 -5.33
CA SER C 113 37.90 -4.68 -6.00
C SER C 113 39.07 -5.59 -5.56
N GLU C 114 40.01 -5.06 -4.76
CA GLU C 114 41.17 -5.88 -4.26
C GLU C 114 42.15 -6.17 -5.39
N LYS C 115 41.75 -5.90 -6.63
CA LYS C 115 42.64 -6.08 -7.76
C LYS C 115 43.55 -4.88 -8.04
N LEU C 116 43.44 -3.83 -7.21
CA LEU C 116 44.24 -2.62 -7.46
C LEU C 116 45.64 -2.75 -6.85
N THR C 117 46.68 -2.59 -7.72
CA THR C 117 48.08 -2.60 -7.29
C THR C 117 48.47 -1.45 -6.35
N LYS C 118 49.42 -1.75 -5.46
CA LYS C 118 49.91 -0.85 -4.43
C LYS C 118 50.26 0.50 -5.03
N GLU C 119 51.03 0.45 -6.10
CA GLU C 119 51.42 1.62 -6.87
C GLU C 119 50.24 2.38 -7.51
N THR C 120 49.21 1.68 -7.98
CA THR C 120 48.02 2.38 -8.49
C THR C 120 47.38 3.20 -7.39
N GLU C 121 47.26 2.56 -6.21
CA GLU C 121 46.69 3.15 -5.02
C GLU C 121 47.53 4.36 -4.61
N GLN C 122 48.81 4.34 -4.97
CA GLN C 122 49.74 5.40 -4.57
C GLN C 122 49.61 6.65 -5.44
N ARG C 123 49.58 6.46 -6.74
CA ARG C 123 49.46 7.58 -7.67
C ARG C 123 48.03 8.14 -7.61
N ALA C 124 47.05 7.33 -7.18
CA ALA C 124 45.70 7.86 -6.94
C ALA C 124 45.73 8.83 -5.75
N ASP C 125 46.46 8.45 -4.72
CA ASP C 125 46.56 9.27 -3.51
C ASP C 125 47.39 10.53 -3.73
N ASP C 126 48.18 10.54 -4.80
CA ASP C 126 49.05 11.67 -5.13
C ASP C 126 48.62 12.59 -6.26
N MET C 127 47.34 12.55 -6.63
CA MET C 127 46.85 13.52 -7.61
C MET C 127 46.28 14.79 -6.97
N PHE C 128 45.83 14.71 -5.72
CA PHE C 128 45.17 15.82 -5.01
C PHE C 128 45.87 16.00 -3.64
N PRO C 129 47.14 16.45 -3.69
CA PRO C 129 48.01 16.64 -2.51
C PRO C 129 47.28 17.25 -1.31
N GLU C 130 46.66 18.39 -1.55
CA GLU C 130 45.92 19.09 -0.52
C GLU C 130 44.81 18.25 0.08
N LEU C 131 43.99 17.62 -0.79
CA LEU C 131 42.93 16.70 -0.35
C LEU C 131 43.53 15.63 0.50
N ARG C 132 44.62 15.07 -0.01
CA ARG C 132 45.31 13.99 0.67
C ARG C 132 45.78 14.37 2.05
N ASP C 133 46.59 15.43 2.12
CA ASP C 133 46.93 16.07 3.40
C ASP C 133 45.72 16.34 4.30
N LEU C 134 44.64 16.84 3.70
CA LEU C 134 43.39 17.11 4.42
C LEU C 134 42.77 15.87 5.11
N CYS C 135 42.87 14.72 4.43
CA CYS C 135 42.34 13.46 4.94
C CYS C 135 43.15 13.03 6.15
N HIS C 136 44.44 12.83 5.94
CA HIS C 136 45.37 12.53 7.06
C HIS C 136 45.08 13.31 8.34
N ARG C 137 44.75 14.59 8.14
CA ARG C 137 44.55 15.51 9.25
C ARG C 137 43.25 15.32 9.98
N SER C 138 42.21 14.94 9.23
CA SER C 138 40.84 14.92 9.75
C SER C 138 40.30 13.53 10.08
N VAL C 139 40.76 12.54 9.33
CA VAL C 139 40.21 11.18 9.37
C VAL C 139 40.60 10.30 10.55
N LEU C 140 39.62 9.64 11.16
CA LEU C 140 39.87 8.70 12.26
C LEU C 140 41.07 7.83 11.87
N MET C 141 42.16 7.87 12.64
CA MET C 141 43.36 7.14 12.27
C MET C 141 43.09 5.69 11.90
N VAL C 142 42.24 5.00 12.71
CA VAL C 142 41.85 3.62 12.35
C VAL C 142 41.42 3.57 10.89
N PHE C 143 40.88 4.65 10.32
CA PHE C 143 40.47 4.62 8.88
C PHE C 143 41.59 4.98 7.91
N MET C 144 42.79 5.14 8.41
CA MET C 144 43.94 5.40 7.57
C MET C 144 44.94 4.26 7.73
N SER C 145 44.70 3.39 8.71
CA SER C 145 45.58 2.26 8.98
C SER C 145 45.75 1.41 7.72
N ASP C 146 46.74 0.53 7.72
CA ASP C 146 46.99 -0.40 6.59
C ASP C 146 45.93 -1.46 6.46
N GLU C 147 45.39 -1.91 7.57
CA GLU C 147 44.40 -2.95 7.54
C GLU C 147 43.00 -2.46 7.15
N TYR C 148 42.63 -1.22 7.46
CA TYR C 148 41.22 -0.84 7.45
C TYR C 148 40.93 0.38 6.57
N ARG C 149 41.98 0.90 5.94
CA ARG C 149 41.92 2.04 5.07
C ARG C 149 40.93 1.78 3.91
N ALA C 150 41.00 0.56 3.38
CA ALA C 150 40.11 0.11 2.32
C ALA C 150 38.68 -0.04 2.76
N PHE C 151 38.42 -0.40 4.04
CA PHE C 151 37.05 -0.40 4.56
C PHE C 151 36.58 1.07 4.53
N GLY C 152 37.46 1.96 4.97
CA GLY C 152 37.11 3.38 5.23
C GLY C 152 36.68 4.08 3.95
N ASP C 153 37.45 3.79 2.90
CA ASP C 153 37.13 4.17 1.51
C ASP C 153 35.81 3.63 1.05
N GLY C 154 35.55 2.35 1.32
CA GLY C 154 34.24 1.79 1.02
C GLY C 154 33.13 2.55 1.72
N LEU C 155 33.31 2.95 2.99
CA LEU C 155 32.18 3.45 3.81
C LEU C 155 31.82 4.78 3.20
N PHE C 156 32.89 5.49 2.86
CA PHE C 156 32.84 6.78 2.17
C PHE C 156 32.09 6.73 0.89
N LEU C 157 32.44 5.73 0.10
CA LEU C 157 31.84 5.55 -1.25
C LEU C 157 30.41 5.14 -1.21
N ALA C 158 30.04 4.25 -0.30
CA ALA C 158 28.63 3.98 -0.05
C ALA C 158 27.83 5.24 0.21
N LEU C 159 28.35 6.14 1.04
CA LEU C 159 27.58 7.30 1.52
C LEU C 159 27.34 8.27 0.36
N ALA C 160 28.41 8.47 -0.40
CA ALA C 160 28.41 9.40 -1.51
C ALA C 160 27.58 8.86 -2.60
N GLU C 161 27.66 7.54 -2.80
CA GLU C 161 26.75 6.91 -3.74
C GLU C 161 25.27 6.93 -3.33
N THR C 162 24.95 6.90 -2.06
CA THR C 162 23.52 6.93 -1.65
C THR C 162 23.01 8.38 -1.83
N THR C 163 23.85 9.34 -1.43
CA THR C 163 23.56 10.76 -1.60
C THR C 163 23.30 11.10 -3.08
N MET C 164 24.20 10.65 -3.95
CA MET C 164 24.00 10.81 -5.38
C MET C 164 22.68 10.21 -5.91
N ASP C 165 22.31 9.03 -5.39
CA ASP C 165 21.11 8.36 -5.82
C ASP C 165 19.85 9.13 -5.44
N PHE C 166 19.74 9.58 -4.19
CA PHE C 166 18.61 10.39 -3.79
C PHE C 166 18.58 11.73 -4.52
N ALA C 167 19.75 12.34 -4.69
CA ALA C 167 19.86 13.63 -5.42
C ALA C 167 19.28 13.54 -6.84
N ALA C 168 19.68 12.48 -7.54
CA ALA C 168 19.23 12.23 -8.92
C ALA C 168 17.76 11.90 -9.07
N ARG C 169 17.23 11.08 -8.16
CA ARG C 169 15.85 10.68 -8.22
C ARG C 169 14.88 11.72 -7.73
N ASP C 170 15.35 12.71 -6.97
CA ASP C 170 14.45 13.67 -6.37
C ASP C 170 15.08 15.04 -6.17
N PRO C 171 15.38 15.76 -7.28
CA PRO C 171 16.17 16.99 -7.28
C PRO C 171 15.38 18.20 -6.75
N ALA C 172 14.15 18.00 -6.28
CA ALA C 172 13.43 19.00 -5.49
C ALA C 172 14.15 19.15 -4.16
N ARG C 173 14.94 18.13 -3.82
CA ARG C 173 15.57 18.05 -2.52
C ARG C 173 17.05 17.70 -2.62
N ALA C 174 17.65 17.87 -3.80
CA ALA C 174 19.07 17.55 -4.02
C ALA C 174 20.03 18.15 -2.99
N GLY C 175 19.90 19.46 -2.76
CA GLY C 175 20.71 20.17 -1.74
C GLY C 175 20.64 19.60 -0.34
N GLU C 176 19.47 19.13 0.04
CA GLU C 176 19.20 18.66 1.39
C GLU C 176 19.88 17.30 1.61
N TYR C 177 19.82 16.44 0.57
CA TYR C 177 20.41 15.09 0.61
C TYR C 177 21.88 15.28 0.61
N ILE C 178 22.35 16.20 -0.19
CA ILE C 178 23.75 16.55 -0.24
C ILE C 178 24.38 17.09 1.06
N ALA C 179 23.68 17.96 1.78
CA ALA C 179 24.19 18.46 3.07
C ALA C 179 24.05 17.41 4.16
N LEU C 180 22.97 16.63 4.14
CA LEU C 180 22.77 15.65 5.18
C LEU C 180 23.92 14.65 4.99
N GLY C 181 24.21 14.37 3.73
CA GLY C 181 25.02 13.20 3.45
C GLY C 181 26.42 13.54 3.90
N PHE C 182 26.84 14.75 3.51
CA PHE C 182 28.06 15.36 4.07
C PHE C 182 28.19 15.33 5.58
N GLU C 183 27.21 15.77 6.36
CA GLU C 183 27.34 15.64 7.82
C GLU C 183 27.51 14.19 8.23
N ALA C 184 26.67 13.28 7.70
CA ALA C 184 26.69 11.87 8.12
C ALA C 184 28.06 11.33 7.85
N MET C 185 28.63 11.73 6.73
CA MET C 185 29.90 11.16 6.39
C MET C 185 30.97 11.75 7.29
N TRP C 186 30.76 13.01 7.65
CA TRP C 186 31.70 13.71 8.50
C TRP C 186 31.73 13.10 9.91
N ARG C 187 30.57 12.91 10.55
CA ARG C 187 30.47 12.26 11.86
C ARG C 187 30.98 10.82 11.74
N ALA C 188 30.89 10.25 10.52
CA ALA C 188 31.16 8.83 10.29
C ALA C 188 32.64 8.50 10.38
N LEU C 189 33.44 9.30 9.70
CA LEU C 189 34.84 8.97 9.68
C LEU C 189 35.90 10.08 9.96
N THR C 190 35.49 11.21 10.52
CA THR C 190 36.47 12.19 11.06
C THR C 190 36.62 12.09 12.56
N ARG C 191 37.72 12.68 13.03
CA ARG C 191 38.10 12.62 14.45
C ARG C 191 37.27 13.54 15.34
N GLU C 192 37.06 13.06 16.57
CA GLU C 192 36.33 13.81 17.58
C GLU C 192 34.84 13.97 17.21
N ASP D 9 3.04 -23.26 -1.03
CA ASP D 9 4.13 -24.00 -1.73
C ASP D 9 4.55 -23.29 -3.01
N LYS D 10 3.56 -22.98 -3.85
CA LYS D 10 3.81 -22.27 -5.07
C LYS D 10 4.12 -20.82 -4.73
N LYS D 11 3.31 -20.20 -3.85
CA LYS D 11 3.59 -18.84 -3.38
C LYS D 11 4.99 -18.82 -2.78
N GLN D 12 5.44 -20.00 -2.34
CA GLN D 12 6.75 -20.09 -1.71
C GLN D 12 7.88 -20.05 -2.74
N ALA D 13 7.73 -20.79 -3.84
CA ALA D 13 8.77 -20.81 -4.88
C ALA D 13 8.87 -19.51 -5.68
N LEU D 14 7.73 -18.80 -5.83
CA LEU D 14 7.66 -17.50 -6.49
C LEU D 14 8.34 -16.40 -5.71
N LEU D 15 8.21 -16.45 -4.38
CA LEU D 15 8.79 -15.50 -3.47
C LEU D 15 10.32 -15.71 -3.50
N GLU D 16 10.73 -16.98 -3.34
CA GLU D 16 12.15 -17.34 -3.38
C GLU D 16 12.75 -16.91 -4.68
N ALA D 17 12.05 -17.19 -5.78
CA ALA D 17 12.52 -16.84 -7.13
C ALA D 17 12.65 -15.32 -7.33
N ALA D 18 11.57 -14.60 -7.00
CA ALA D 18 11.61 -13.12 -6.98
C ALA D 18 12.73 -12.56 -6.03
N THR D 19 12.99 -13.24 -4.92
CA THR D 19 14.16 -12.93 -4.08
C THR D 19 15.48 -12.99 -4.84
N GLN D 20 15.73 -14.09 -5.55
CA GLN D 20 16.96 -14.22 -6.32
C GLN D 20 17.05 -13.21 -7.50
N ALA D 21 15.96 -12.98 -8.22
CA ALA D 21 16.04 -12.17 -9.46
C ALA D 21 16.18 -10.68 -9.18
N ILE D 22 15.37 -10.14 -8.27
CA ILE D 22 15.50 -8.73 -7.93
C ILE D 22 16.90 -8.49 -7.37
N ALA D 23 17.36 -9.42 -6.51
CA ALA D 23 18.71 -9.31 -5.98
C ALA D 23 19.76 -9.43 -7.09
N GLN D 24 19.43 -10.13 -8.18
CA GLN D 24 20.37 -10.27 -9.29
C GLN D 24 20.13 -9.31 -10.47
N SER D 25 19.00 -8.61 -10.50
CA SER D 25 18.67 -7.74 -11.62
C SER D 25 17.92 -6.48 -11.22
N GLY D 26 17.92 -6.15 -9.94
CA GLY D 26 17.15 -4.99 -9.45
C GLY D 26 15.63 -5.09 -9.57
N ILE D 27 14.95 -4.09 -9.05
CA ILE D 27 13.48 -4.03 -9.07
C ILE D 27 12.88 -4.16 -10.48
N ALA D 28 13.75 -4.17 -11.49
CA ALA D 28 13.34 -4.26 -12.89
C ALA D 28 13.34 -5.69 -13.46
N ALA D 29 13.74 -6.67 -12.67
CA ALA D 29 13.61 -8.08 -13.06
C ALA D 29 12.20 -8.34 -13.62
N SER D 30 12.12 -9.00 -14.78
CA SER D 30 10.83 -9.31 -15.40
C SER D 30 9.95 -10.21 -14.55
N THR D 31 8.66 -10.03 -14.71
CA THR D 31 7.74 -10.90 -14.04
C THR D 31 7.66 -12.26 -14.74
N ALA D 32 8.14 -12.34 -15.99
CA ALA D 32 8.11 -13.60 -16.75
C ALA D 32 9.24 -14.53 -16.35
N VAL D 33 10.42 -13.95 -16.10
CA VAL D 33 11.57 -14.68 -15.59
C VAL D 33 11.35 -15.21 -14.16
N ILE D 34 10.78 -14.37 -13.29
CA ILE D 34 10.43 -14.78 -11.94
C ILE D 34 9.56 -16.07 -11.91
N ALA D 35 8.43 -16.03 -12.63
CA ALA D 35 7.55 -17.18 -12.71
C ALA D 35 8.24 -18.41 -13.34
N ARG D 36 9.02 -18.19 -14.41
CA ARG D 36 9.69 -19.34 -15.04
C ARG D 36 10.62 -20.04 -14.03
N ASN D 37 11.50 -19.26 -13.40
CA ASN D 37 12.38 -19.78 -12.35
C ASN D 37 11.67 -20.37 -11.13
N ALA D 38 10.42 -19.96 -10.89
CA ALA D 38 9.61 -20.53 -9.81
C ALA D 38 8.97 -21.89 -10.19
N GLY D 39 9.08 -22.27 -11.46
CA GLY D 39 8.45 -23.48 -12.00
C GLY D 39 6.94 -23.39 -12.18
N VAL D 40 6.47 -22.18 -12.51
CA VAL D 40 5.05 -21.88 -12.77
C VAL D 40 4.87 -20.99 -14.03
N ALA D 41 3.60 -20.86 -14.47
CA ALA D 41 3.25 -20.01 -15.60
C ALA D 41 3.18 -18.58 -15.11
N GLU D 42 3.56 -17.63 -15.97
CA GLU D 42 3.50 -16.20 -15.61
C GLU D 42 2.11 -15.79 -15.06
N GLY D 43 1.07 -16.47 -15.55
CA GLY D 43 -0.28 -16.30 -15.04
C GLY D 43 -0.42 -16.79 -13.59
N THR D 44 0.32 -17.84 -13.23
CA THR D 44 0.26 -18.40 -11.87
C THR D 44 0.85 -17.39 -10.85
N LEU D 45 1.82 -16.58 -11.29
CA LEU D 45 2.38 -15.51 -10.44
C LEU D 45 1.38 -14.40 -10.14
N PHE D 46 0.67 -13.95 -11.18
CA PHE D 46 -0.40 -12.97 -11.01
C PHE D 46 -1.64 -13.56 -10.33
N ARG D 47 -1.65 -14.88 -10.18
CA ARG D 47 -2.67 -15.59 -9.40
C ARG D 47 -2.43 -15.36 -7.90
N TYR D 48 -1.17 -15.50 -7.48
CA TYR D 48 -0.82 -15.28 -6.09
C TYR D 48 -0.59 -13.79 -5.77
N PHE D 49 -0.04 -13.07 -6.75
CA PHE D 49 0.24 -11.65 -6.61
C PHE D 49 -0.47 -10.86 -7.70
N ALA D 50 -1.54 -10.19 -7.31
CA ALA D 50 -2.36 -9.39 -8.22
C ALA D 50 -1.59 -8.42 -9.20
N THR D 51 -0.57 -7.73 -8.69
CA THR D 51 0.30 -6.91 -9.53
C THR D 51 1.74 -7.13 -9.09
N LYS D 52 2.66 -6.58 -9.89
CA LYS D 52 4.08 -6.59 -9.57
C LYS D 52 4.28 -5.76 -8.32
N ASP D 53 3.60 -4.63 -8.21
CA ASP D 53 3.71 -3.77 -7.04
C ASP D 53 3.48 -4.56 -5.76
N GLU D 54 2.35 -5.28 -5.74
CA GLU D 54 1.95 -6.06 -4.55
C GLU D 54 3.00 -7.14 -4.22
N LEU D 55 3.52 -7.83 -5.25
CA LEU D 55 4.64 -8.74 -5.02
C LEU D 55 5.85 -8.01 -4.34
N ILE D 56 6.29 -6.89 -4.92
CA ILE D 56 7.29 -6.06 -4.27
C ILE D 56 7.01 -5.86 -2.78
N ASN D 57 5.84 -5.35 -2.44
CA ASN D 57 5.47 -5.10 -1.05
C ASN D 57 5.43 -6.38 -0.23
N THR D 58 4.87 -7.45 -0.78
CA THR D 58 4.73 -8.71 -0.07
C THR D 58 6.12 -9.32 0.19
N LEU D 59 7.01 -9.17 -0.78
CA LEU D 59 8.36 -9.71 -0.65
C LEU D 59 9.11 -8.96 0.44
N TYR D 60 9.03 -7.64 0.39
CA TYR D 60 9.67 -6.80 1.40
C TYR D 60 9.38 -7.30 2.81
N LEU D 61 8.09 -7.48 3.14
CA LEU D 61 7.65 -7.97 4.45
C LEU D 61 8.07 -9.40 4.72
N HIS D 62 8.15 -10.23 3.68
CA HIS D 62 8.53 -11.63 3.87
C HIS D 62 9.96 -11.72 4.38
N LEU D 63 10.81 -10.92 3.77
CA LEU D 63 12.22 -10.93 4.03
C LEU D 63 12.51 -10.19 5.32
N LYS D 64 11.67 -9.20 5.60
CA LYS D 64 11.79 -8.42 6.79
C LYS D 64 11.50 -9.26 8.01
N GLN D 65 10.49 -10.14 7.91
CA GLN D 65 10.10 -11.00 9.02
C GLN D 65 11.20 -12.04 9.19
N ASP D 66 11.78 -12.44 8.06
CA ASP D 66 12.81 -13.49 8.04
C ASP D 66 14.01 -12.96 8.80
N LEU D 67 14.29 -11.68 8.54
CA LEU D 67 15.33 -10.95 9.20
C LEU D 67 15.03 -10.61 10.62
N CYS D 68 13.83 -10.14 10.93
CA CYS D 68 13.51 -9.92 12.35
C CYS D 68 13.54 -11.19 13.21
N GLN D 69 12.98 -12.30 12.70
CA GLN D 69 12.87 -13.52 13.50
C GLN D 69 14.26 -13.91 13.97
N SER D 70 15.20 -13.64 13.08
CA SER D 70 16.60 -13.91 13.24
C SER D 70 17.25 -13.06 14.33
N MET D 71 16.93 -11.77 14.35
CA MET D 71 17.38 -10.84 15.41
C MET D 71 16.62 -11.08 16.73
N ILE D 72 15.31 -11.29 16.66
CA ILE D 72 14.52 -11.63 17.85
C ILE D 72 15.11 -12.87 18.58
N MET D 73 15.49 -13.89 17.79
CA MET D 73 15.98 -15.16 18.33
C MET D 73 17.38 -15.05 18.95
N GLU D 74 17.81 -13.82 19.14
CA GLU D 74 19.16 -13.54 19.58
C GLU D 74 19.18 -12.50 20.70
N LEU D 75 18.27 -11.53 20.63
CA LEU D 75 18.21 -10.43 21.60
C LEU D 75 18.43 -10.95 23.02
N ASP D 76 19.24 -10.21 23.78
CA ASP D 76 19.56 -10.55 25.15
C ASP D 76 18.42 -10.01 26.04
N ARG D 77 18.03 -10.78 27.06
CA ARG D 77 17.00 -10.30 28.00
C ARG D 77 17.46 -9.01 28.66
N SER D 78 18.62 -9.07 29.34
CA SER D 78 19.23 -7.95 30.07
C SER D 78 19.68 -6.83 29.13
N ILE D 79 19.00 -6.77 27.97
CA ILE D 79 19.33 -5.80 26.93
C ILE D 79 18.99 -4.39 27.44
N THR D 80 20.04 -3.69 27.87
CA THR D 80 19.87 -2.45 28.65
C THR D 80 20.26 -1.19 27.88
N ASP D 81 21.55 -1.00 27.62
CA ASP D 81 22.05 0.26 27.10
C ASP D 81 21.72 0.48 25.62
N ALA D 82 21.02 1.57 25.33
CA ALA D 82 20.57 1.93 23.98
C ALA D 82 21.59 1.62 22.88
N LYS D 83 22.83 2.00 23.13
CA LYS D 83 23.89 1.64 22.23
C LYS D 83 24.25 0.12 22.23
N MET D 84 24.41 -0.50 23.41
CA MET D 84 24.76 -1.92 23.46
C MET D 84 23.63 -2.68 22.81
N MET D 85 22.42 -2.13 22.92
CA MET D 85 21.26 -2.83 22.43
C MET D 85 21.40 -2.78 20.94
N THR D 86 21.88 -1.64 20.46
CA THR D 86 21.96 -1.38 19.02
C THR D 86 23.08 -2.17 18.39
N ARG D 87 24.23 -2.11 19.04
CA ARG D 87 25.38 -2.91 18.70
C ARG D 87 25.05 -4.37 18.55
N PHE D 88 24.31 -4.96 19.51
CA PHE D 88 24.00 -6.39 19.49
C PHE D 88 23.07 -6.69 18.30
N ILE D 89 22.14 -5.79 18.01
CA ILE D 89 21.16 -6.02 16.94
C ILE D 89 21.90 -5.88 15.59
N TRP D 90 22.82 -4.93 15.53
CA TRP D 90 23.70 -4.77 14.38
C TRP D 90 24.48 -6.05 14.04
N ASN D 91 24.94 -6.72 15.10
CA ASN D 91 25.67 -7.96 14.97
C ASN D 91 24.80 -8.94 14.23
N SER D 92 23.61 -9.19 14.79
CA SER D 92 22.67 -10.13 14.24
C SER D 92 22.31 -9.70 12.82
N TYR D 93 22.14 -8.41 12.60
CA TYR D 93 21.80 -7.92 11.26
C TYR D 93 22.84 -8.21 10.20
N ILE D 94 24.07 -7.92 10.53
CA ILE D 94 25.19 -8.29 9.65
C ILE D 94 25.37 -9.82 9.52
N SER D 95 25.17 -10.59 10.61
CA SER D 95 25.22 -12.03 10.51
C SER D 95 24.15 -12.47 9.49
N TRP D 96 22.96 -11.86 9.48
CA TRP D 96 21.87 -12.36 8.65
C TRP D 96 22.29 -12.17 7.22
N GLY D 97 22.82 -10.98 6.99
CA GLY D 97 23.28 -10.55 5.66
C GLY D 97 24.37 -11.42 5.06
N LEU D 98 25.29 -11.88 5.92
CA LEU D 98 26.32 -12.89 5.56
C LEU D 98 25.78 -14.32 5.20
N ASN D 99 24.77 -14.80 5.91
CA ASN D 99 24.28 -16.15 5.67
C ASN D 99 23.29 -16.20 4.52
N HIS D 100 22.73 -15.04 4.17
CA HIS D 100 21.66 -14.91 3.18
C HIS D 100 21.91 -13.68 2.28
N PRO D 101 22.92 -13.75 1.40
CA PRO D 101 23.34 -12.64 0.55
C PRO D 101 22.24 -12.07 -0.33
N ALA D 102 21.56 -12.96 -1.06
CA ALA D 102 20.49 -12.60 -1.93
C ALA D 102 19.34 -11.99 -1.16
N ARG D 103 19.02 -12.53 0.02
CA ARG D 103 17.93 -11.99 0.73
C ARG D 103 18.23 -10.50 0.94
N HIS D 104 19.42 -10.22 1.43
CA HIS D 104 19.79 -8.86 1.77
C HIS D 104 19.89 -7.88 0.59
N ARG D 105 20.52 -8.32 -0.49
CA ARG D 105 20.47 -7.55 -1.73
C ARG D 105 19.03 -7.23 -2.23
N ALA D 106 18.13 -8.25 -2.25
CA ALA D 106 16.73 -8.00 -2.56
C ALA D 106 16.15 -6.98 -1.56
N ILE D 107 16.37 -7.21 -0.27
CA ILE D 107 15.80 -6.38 0.76
C ILE D 107 16.16 -4.93 0.53
N ARG D 108 17.46 -4.70 0.35
CA ARG D 108 17.97 -3.37 0.25
C ARG D 108 17.49 -2.72 -1.04
N GLN D 109 17.29 -3.54 -2.09
CA GLN D 109 16.71 -3.06 -3.33
C GLN D 109 15.21 -2.68 -3.17
N LEU D 110 14.39 -3.57 -2.62
CA LEU D 110 13.00 -3.19 -2.32
C LEU D 110 12.87 -1.86 -1.48
N ALA D 111 13.62 -1.76 -0.39
CA ALA D 111 13.48 -0.64 0.57
C ALA D 111 13.57 0.77 -0.05
N VAL D 112 14.38 0.90 -1.10
CA VAL D 112 14.56 2.17 -1.79
C VAL D 112 13.88 2.25 -3.18
N SER D 113 13.02 1.29 -3.49
CA SER D 113 12.34 1.22 -4.80
C SER D 113 11.23 2.26 -4.96
N GLU D 114 10.79 2.84 -3.85
CA GLU D 114 9.67 3.78 -3.86
C GLU D 114 8.33 3.14 -4.26
N LYS D 115 8.30 1.80 -4.37
CA LYS D 115 7.06 1.09 -4.72
C LYS D 115 6.39 0.58 -3.46
N LEU D 116 7.11 0.69 -2.35
CA LEU D 116 6.64 0.32 -1.01
C LEU D 116 5.58 1.29 -0.51
N THR D 117 4.54 0.74 0.11
CA THR D 117 3.45 1.55 0.59
C THR D 117 3.69 1.93 2.04
N LYS D 118 3.01 3.01 2.47
CA LYS D 118 3.00 3.45 3.87
C LYS D 118 2.49 2.33 4.76
N GLU D 119 1.50 1.59 4.25
CA GLU D 119 0.97 0.41 4.94
C GLU D 119 2.05 -0.68 5.14
N THR D 120 2.89 -0.84 4.12
CA THR D 120 4.04 -1.75 4.13
C THR D 120 5.14 -1.34 5.11
N GLU D 121 5.44 -0.03 5.16
CA GLU D 121 6.49 0.48 6.03
C GLU D 121 6.08 0.41 7.50
N GLN D 122 4.81 0.76 7.77
CA GLN D 122 4.29 0.74 9.16
C GLN D 122 4.20 -0.68 9.70
N ARG D 123 3.86 -1.63 8.83
CA ARG D 123 3.88 -3.05 9.20
C ARG D 123 5.31 -3.52 9.44
N ALA D 124 6.25 -2.95 8.68
CA ALA D 124 7.67 -3.30 8.77
C ALA D 124 8.43 -2.68 9.98
N ASP D 125 7.89 -1.57 10.51
CA ASP D 125 8.38 -0.98 11.77
C ASP D 125 7.88 -1.75 13.00
N ASP D 126 6.67 -2.28 12.91
CA ASP D 126 6.03 -2.94 14.04
C ASP D 126 6.59 -4.33 14.35
N MET D 127 7.20 -4.96 13.35
CA MET D 127 7.65 -6.35 13.51
C MET D 127 8.71 -6.49 14.57
N PHE D 128 9.19 -5.36 15.09
CA PHE D 128 10.25 -5.38 16.08
C PHE D 128 10.14 -4.13 16.92
N PRO D 129 9.10 -4.08 17.77
CA PRO D 129 8.90 -2.86 18.54
C PRO D 129 10.17 -2.41 19.28
N GLU D 130 10.96 -3.35 19.80
CA GLU D 130 12.17 -3.00 20.56
C GLU D 130 13.09 -2.11 19.72
N LEU D 131 13.27 -2.46 18.45
CA LEU D 131 14.13 -1.66 17.57
C LEU D 131 13.48 -0.37 17.11
N ARG D 132 12.14 -0.34 17.07
CA ARG D 132 11.45 0.85 16.65
C ARG D 132 11.47 1.87 17.75
N ASP D 133 11.33 1.39 19.00
CA ASP D 133 11.32 2.27 20.18
C ASP D 133 12.71 2.85 20.27
N LEU D 134 13.70 2.01 19.93
CA LEU D 134 15.11 2.35 20.10
C LEU D 134 15.56 3.43 19.11
N CYS D 135 15.12 3.28 17.87
CA CYS D 135 15.39 4.27 16.84
C CYS D 135 14.74 5.61 17.16
N HIS D 136 13.51 5.59 17.67
CA HIS D 136 12.78 6.82 17.99
C HIS D 136 13.50 7.60 19.10
N ARG D 137 14.28 6.88 19.90
CA ARG D 137 14.97 7.45 21.05
C ARG D 137 16.46 7.75 20.81
N SER D 138 17.00 7.34 19.65
CA SER D 138 18.44 7.49 19.38
C SER D 138 18.76 8.14 18.04
N VAL D 139 17.86 7.95 17.07
CA VAL D 139 18.17 8.38 15.70
C VAL D 139 17.84 9.86 15.57
N LEU D 140 18.65 10.53 14.76
CA LEU D 140 18.49 11.93 14.41
C LEU D 140 17.13 12.23 13.82
N MET D 141 16.40 13.15 14.46
CA MET D 141 15.00 13.40 14.12
C MET D 141 14.79 13.63 12.64
N VAL D 142 15.78 14.20 11.96
CA VAL D 142 15.67 14.47 10.53
C VAL D 142 15.54 13.20 9.71
N PHE D 143 16.15 12.10 10.21
CA PHE D 143 16.10 10.80 9.52
C PHE D 143 14.88 10.01 9.85
N MET D 144 13.98 10.59 10.64
CA MET D 144 12.74 9.96 11.00
C MET D 144 11.63 10.67 10.23
N SER D 145 11.96 11.80 9.62
CA SER D 145 10.94 12.59 8.95
C SER D 145 10.46 11.88 7.69
N ASP D 146 9.17 11.96 7.40
CA ASP D 146 8.67 11.29 6.20
C ASP D 146 9.52 11.75 5.04
N GLU D 147 9.94 13.02 5.09
CA GLU D 147 10.76 13.64 4.06
C GLU D 147 12.11 12.98 3.81
N TYR D 148 12.82 12.61 4.87
CA TYR D 148 14.18 12.08 4.71
C TYR D 148 14.41 10.70 5.32
N ARG D 149 13.35 10.03 5.71
CA ARG D 149 13.49 8.74 6.34
C ARG D 149 14.14 7.77 5.36
N ALA D 150 13.62 7.76 4.14
CA ALA D 150 14.10 6.86 3.07
C ALA D 150 15.63 6.97 2.94
N PHE D 151 16.08 8.22 2.92
CA PHE D 151 17.48 8.55 2.85
C PHE D 151 18.29 8.04 4.01
N GLY D 152 17.73 8.09 5.22
CA GLY D 152 18.48 7.57 6.36
C GLY D 152 18.56 6.03 6.36
N ASP D 153 17.59 5.34 5.77
CA ASP D 153 17.60 3.86 5.78
C ASP D 153 18.61 3.50 4.73
N GLY D 154 18.54 4.25 3.63
CA GLY D 154 19.47 4.09 2.55
C GLY D 154 20.87 4.29 3.07
N LEU D 155 21.08 5.22 4.01
CA LEU D 155 22.45 5.38 4.55
C LEU D 155 22.80 4.13 5.36
N PHE D 156 21.89 3.72 6.25
CA PHE D 156 22.14 2.59 7.10
C PHE D 156 22.41 1.34 6.30
N LEU D 157 21.50 1.05 5.35
CA LEU D 157 21.62 -0.13 4.48
C LEU D 157 22.94 -0.12 3.72
N ALA D 158 23.37 1.06 3.28
CA ALA D 158 24.64 1.16 2.50
C ALA D 158 25.92 1.03 3.35
N LEU D 159 25.82 1.35 4.65
CA LEU D 159 26.92 1.00 5.58
C LEU D 159 26.88 -0.47 5.87
N ALA D 160 25.69 -1.04 6.02
CA ALA D 160 25.56 -2.41 6.52
C ALA D 160 26.05 -3.30 5.41
N GLU D 161 25.63 -3.01 4.20
CA GLU D 161 26.09 -3.78 3.02
C GLU D 161 27.54 -3.66 2.76
N THR D 162 28.11 -2.52 3.10
CA THR D 162 29.58 -2.42 2.98
C THR D 162 30.31 -3.22 4.08
N THR D 163 29.71 -3.32 5.27
CA THR D 163 30.32 -4.11 6.34
C THR D 163 30.27 -5.58 5.87
N MET D 164 29.18 -5.97 5.23
CA MET D 164 28.95 -7.35 4.90
C MET D 164 30.06 -7.79 3.96
N ASP D 165 30.28 -6.98 2.95
CA ASP D 165 31.14 -7.37 1.85
C ASP D 165 32.56 -7.50 2.32
N PHE D 166 32.99 -6.55 3.14
CA PHE D 166 34.32 -6.64 3.73
C PHE D 166 34.46 -7.80 4.68
N ALA D 167 33.46 -8.04 5.51
CA ALA D 167 33.46 -9.19 6.39
C ALA D 167 33.68 -10.44 5.50
N ALA D 168 32.81 -10.54 4.49
CA ALA D 168 32.61 -11.76 3.69
C ALA D 168 33.85 -12.21 2.98
N ARG D 169 34.67 -11.23 2.56
CA ARG D 169 35.92 -11.49 1.84
C ARG D 169 37.21 -11.53 2.71
N ASP D 170 37.16 -11.14 3.99
CA ASP D 170 38.33 -11.22 4.87
C ASP D 170 37.90 -11.64 6.28
N PRO D 171 37.53 -12.92 6.47
CA PRO D 171 36.86 -13.41 7.68
C PRO D 171 37.62 -13.22 9.01
N ALA D 172 38.93 -13.07 8.92
CA ALA D 172 39.75 -13.03 10.13
C ALA D 172 39.56 -11.68 10.82
N ARG D 173 39.45 -10.65 9.98
CA ARG D 173 39.05 -9.29 10.40
C ARG D 173 37.55 -8.97 10.53
N ALA D 174 36.68 -9.83 9.96
CA ALA D 174 35.25 -9.59 10.03
C ALA D 174 34.78 -8.90 11.33
N GLY D 175 35.11 -9.43 12.51
CA GLY D 175 34.51 -8.97 13.76
C GLY D 175 34.82 -7.51 13.96
N GLU D 176 36.01 -7.14 13.46
CA GLU D 176 36.54 -5.80 13.59
C GLU D 176 35.80 -4.90 12.67
N TYR D 177 35.53 -5.44 11.50
CA TYR D 177 34.73 -4.72 10.52
C TYR D 177 33.33 -4.48 11.00
N ILE D 178 32.68 -5.51 11.53
CA ILE D 178 31.34 -5.38 12.11
C ILE D 178 31.44 -4.17 13.11
N ALA D 179 32.43 -4.21 14.00
CA ALA D 179 32.57 -3.26 15.14
C ALA D 179 32.73 -1.85 14.61
N LEU D 180 33.61 -1.74 13.62
CA LEU D 180 33.90 -0.48 12.99
C LEU D 180 32.78 0.07 12.10
N GLY D 181 32.02 -0.84 11.49
CA GLY D 181 30.88 -0.42 10.79
C GLY D 181 29.85 0.07 11.75
N PHE D 182 29.74 -0.54 12.93
CA PHE D 182 28.69 -0.13 13.80
C PHE D 182 28.96 1.31 14.20
N GLU D 183 30.17 1.58 14.68
CA GLU D 183 30.46 2.83 15.38
C GLU D 183 30.39 3.99 14.37
N ALA D 184 30.85 3.70 13.17
CA ALA D 184 30.59 4.57 12.04
C ALA D 184 29.12 4.83 11.72
N MET D 185 28.26 3.81 11.78
CA MET D 185 26.84 4.04 11.56
C MET D 185 26.33 4.87 12.72
N TRP D 186 26.84 4.61 13.93
CA TRP D 186 26.16 5.14 15.13
C TRP D 186 26.35 6.62 15.05
N ARG D 187 27.54 7.00 14.64
CA ARG D 187 27.93 8.39 14.63
C ARG D 187 27.17 9.15 13.57
N ALA D 188 26.94 8.44 12.48
CA ALA D 188 26.26 9.05 11.33
C ALA D 188 24.73 9.19 11.48
N LEU D 189 24.09 8.48 12.45
CA LEU D 189 22.61 8.45 12.51
C LEU D 189 22.03 8.80 13.85
N THR D 190 22.87 8.83 14.89
CA THR D 190 22.32 9.00 16.22
C THR D 190 22.66 10.33 16.87
N ARG D 191 21.97 10.59 17.99
CA ARG D 191 22.12 11.80 18.78
C ARG D 191 23.56 12.01 19.23
N GLU D 192 23.98 13.28 19.27
CA GLU D 192 25.30 13.68 19.79
C GLU D 192 25.28 13.75 21.31
C1 RHQ E . -35.46 5.77 -8.39
C2 RHQ E . -36.18 4.61 -8.19
C3 RHQ E . -36.81 4.37 -6.98
C4 RHQ E . -36.72 5.30 -5.94
C5 RHQ E . -36.00 6.48 -6.13
C6 RHQ E . -35.37 6.70 -7.36
O1 RHQ E . -34.81 6.03 -9.58
C7 RHQ E . -34.88 5.11 -10.62
C8 RHQ E . -35.61 3.94 -10.46
C9 RHQ E . -36.26 3.68 -9.22
C10 RHQ E . -34.22 5.39 -11.81
C11 RHQ E . -34.27 4.50 -12.87
C12 RHQ E . -34.99 3.31 -12.72
C13 RHQ E . -35.65 3.03 -11.53
N1 RHQ E . -33.62 4.79 -14.03
C14 RHQ E . -37.07 2.46 -8.97
C15 RHQ E . -36.42 1.29 -8.58
C16 RHQ E . -37.18 0.13 -8.37
C17 RHQ E . -38.57 0.10 -8.55
C18 RHQ E . -39.21 1.27 -8.94
C19 RHQ E . -38.49 2.45 -9.14
C20 RHQ E . -35.08 2.30 -13.84
C21 RHQ E . -37.41 5.08 -4.60
C22 RHQ E . -32.57 5.84 -14.01
C23 RHQ E . -31.26 5.53 -13.38
N2 RHQ E . -35.92 7.41 -5.05
C24 RHQ E . -34.69 8.34 -5.21
C25 RHQ E . -34.65 9.26 -4.01
C26 RHQ E . -39.33 3.65 -9.55
O27 RHQ E . -38.85 4.77 -9.71
O2 RHQ E . -40.79 3.46 -9.77
C28 RHQ E . -41.63 4.53 -10.25
C29 RHQ E . -42.99 3.98 -10.69
S SO4 F . -24.58 17.39 1.47
O1 SO4 F . -23.11 17.13 1.64
O2 SO4 F . -25.30 18.48 2.21
O3 SO4 F . -25.50 16.31 1.01
O4 SO4 F . -24.56 18.20 0.25
C1 RHQ G . -19.19 -13.07 -0.99
C2 RHQ G . -18.47 -12.40 -2.00
C3 RHQ G . -17.51 -11.45 -1.61
C4 RHQ G . -17.30 -11.17 -0.25
C5 RHQ G . -18.03 -11.85 0.73
C6 RHQ G . -18.98 -12.80 0.37
O1 RHQ G . -20.12 -14.00 -1.32
C7 RHQ G . -20.36 -14.29 -2.62
C8 RHQ G . -19.68 -13.67 -3.68
C9 RHQ G . -18.71 -12.71 -3.37
C10 RHQ G . -21.30 -15.24 -2.87
C11 RHQ G . -21.61 -15.60 -4.17
C12 RHQ G . -20.96 -15.00 -5.26
C13 RHQ G . -19.98 -14.03 -5.00
N1 RHQ G . -22.56 -16.55 -4.32
C14 RHQ G . -17.96 -12.05 -4.51
C15 RHQ G . -18.56 -10.92 -5.10
C16 RHQ G . -17.93 -10.24 -6.16
C17 RHQ G . -16.70 -10.68 -6.65
C18 RHQ G . -16.10 -11.80 -6.07
C19 RHQ G . -16.70 -12.49 -5.00
C20 RHQ G . -21.28 -15.38 -6.69
C21 RHQ G . -16.27 -10.13 0.16
C22 RHQ G . -22.98 -17.35 -3.14
C23 RHQ G . -24.17 -16.69 -2.42
N2 RHQ G . -17.78 -11.54 2.07
C24 RHQ G . -18.70 -12.14 3.06
C25 RHQ G . -18.12 -11.65 4.38
C26 RHQ G . -15.92 -13.70 -4.49
O27 RHQ G . -16.27 -14.32 -3.50
O2 RHQ G . -14.72 -14.13 -5.22
C28 RHQ G . -14.20 -15.49 -5.02
C29 RHQ G . -13.19 -15.96 -6.10
S SO4 H . -25.04 -11.21 17.35
O1 SO4 H . -24.92 -10.51 16.07
O2 SO4 H . -23.91 -10.77 18.19
O3 SO4 H . -26.34 -10.88 17.98
O4 SO4 H . -24.95 -12.68 17.12
C1 RHQ I . 38.20 9.70 -1.52
C2 RHQ I . 38.61 8.85 -0.51
C3 RHQ I . 38.98 7.54 -0.84
C4 RHQ I . 38.95 7.12 -2.18
C5 RHQ I . 38.48 7.98 -3.23
C6 RHQ I . 38.10 9.28 -2.89
O1 RHQ I . 37.81 10.98 -1.26
C7 RHQ I . 37.82 11.48 0.01
C8 RHQ I . 38.22 10.67 1.07
C9 RHQ I . 38.61 9.33 0.81
C10 RHQ I . 37.43 12.79 0.22
C11 RHQ I . 37.41 13.34 1.50
C12 RHQ I . 37.79 12.53 2.58
C13 RHQ I . 38.19 11.20 2.36
N1 RHQ I . 37.01 14.63 1.69
C14 RHQ I . 39.01 8.45 1.96
C15 RHQ I . 38.02 7.87 2.78
C16 RHQ I . 38.35 7.06 3.88
C17 RHQ I . 39.69 6.83 4.20
C18 RHQ I . 40.66 7.42 3.40
C19 RHQ I . 40.34 8.21 2.30
C20 RHQ I . 37.79 13.06 4.00
C21 RHQ I . 39.35 5.70 -2.56
C22 RHQ I . 36.34 15.34 0.60
C23 RHQ I . 34.84 15.17 0.57
N2 RHQ I . 38.39 7.55 -4.62
C24 RHQ I . 37.25 8.37 -5.30
C25 RHQ I . 36.69 7.56 -6.56
C26 RHQ I . 41.43 8.82 1.48
O27 RHQ I . 41.20 9.42 0.42
O2 RHQ I . 42.81 8.73 1.94
C28 RHQ I . 43.85 9.43 1.23
C29 RHQ I . 45.24 9.13 1.79
S SO4 J . 28.63 9.02 -18.23
O1 SO4 J . 28.25 10.41 -18.46
O2 SO4 J . 27.45 8.19 -18.17
O3 SO4 J . 29.55 8.65 -19.30
O4 SO4 J . 29.34 8.84 -16.98
C1 RHQ K . 17.11 -0.78 9.72
C2 RHQ K . 16.80 0.57 9.49
C3 RHQ K . 16.06 0.88 8.33
C4 RHQ K . 15.64 -0.11 7.46
C5 RHQ K . 15.96 -1.45 7.70
C6 RHQ K . 16.71 -1.79 8.84
O1 RHQ K . 17.83 -1.13 10.83
C7 RHQ K . 18.25 -0.17 11.70
C8 RHQ K . 17.97 1.19 11.51
C9 RHQ K . 17.22 1.56 10.39
C10 RHQ K . 18.95 -0.60 12.79
C11 RHQ K . 19.42 0.30 13.71
C12 RHQ K . 19.15 1.66 13.56
C13 RHQ K . 18.43 2.10 12.46
N1 RHQ K . 20.12 -0.18 14.77
C14 RHQ K . 16.87 3.03 10.15
C15 RHQ K . 17.81 3.80 9.46
C16 RHQ K . 17.58 5.16 9.20
C17 RHQ K . 16.42 5.77 9.63
C18 RHQ K . 15.48 5.02 10.33
C19 RHQ K . 15.66 3.65 10.60
C20 RHQ K . 19.64 2.66 14.58
C21 RHQ K . 14.85 0.29 6.23
C22 RHQ K . 20.38 -1.61 14.95
C23 RHQ K . 21.53 -2.08 14.06
N2 RHQ K . 15.53 -2.44 6.78
C24 RHQ K . 16.21 -3.79 6.93
C25 RHQ K . 15.72 -4.65 5.81
C26 RHQ K . 14.52 3.00 11.35
O27 RHQ K . 14.56 1.82 11.66
O2 RHQ K . 13.31 3.78 11.72
C28 RHQ K . 12.17 3.09 12.30
C29 RHQ K . 11.15 4.11 12.77
S SO4 L . 20.38 -16.59 0.07
O1 SO4 L . 20.24 -15.15 -0.01
O2 SO4 L . 19.38 -17.13 -0.88
O3 SO4 L . 21.71 -16.94 -0.41
O4 SO4 L . 20.05 -17.07 1.44
#